data_9DAN
#
_entry.id   9DAN
#
_cell.length_a   1.00
_cell.length_b   1.00
_cell.length_c   1.00
_cell.angle_alpha   90.00
_cell.angle_beta   90.00
_cell.angle_gamma   90.00
#
_symmetry.space_group_name_H-M   'P 1'
#
loop_
_entity.id
_entity.type
_entity.pdbx_description
1 polymer 'Stimulator of interferon genes protein'
2 non-polymer '4-({[4-(2-tert-butyl-5,5-dimethyl-1,3-dioxan-2-yl)phenyl]methyl}amino)-3-methoxybenzoic acid'
3 non-polymer '(2R)-3-{[(S)-hydroxy{[(1R,2R,3S,4R,5R,6S)-2,3,6-trihydroxy-4,5-bis(phosphonooxy)cyclohexyl]oxy}phosphoryl]oxy}propane-1,2-diyl di[(9Z)-octadec-9-enoate]'
4 non-polymer 'CHOLESTEROL HEMISUCCINATE'
5 non-polymer cGAMP
#
_entity_poly.entity_id   1
_entity_poly.type   'polypeptide(L)'
_entity_poly.pdbx_seq_one_letter_code
;MPHSSLHPSIPCPRGHGAQKAALVLLSACLVTLWGLGEPPEHTLRYLVLHLASLQLGLLLNGVCSLAEELRHIHSRYRGS
YWRTVRACLGCPLRRGALLLLSIYFYYSLPNAVGPPFTWMLALLGLSQALNILLGLKGLAPAEISAVCEKGNFNVAHGLA
WSYYIGYLRLILPELQARIRTYNQHYNNLLRGAVSQRLYILLPLDCGVPDNLSMADPNIRFLDKLPQQTGDRAGIKDRVY
SNSIYELLENGQRAGTCVLEYATPLQTLFAMSQYSQAGFSREDRLEQAKLFCRTLEDILADAPESQNNCRLIAYQEPADD
SSFSLSQEVLRHLRQEEKEEVTVGTSSGLEVLFQ
;
_entity_poly.pdbx_strand_id   A,B,C,D
#
# COMPACT_ATOMS: atom_id res chain seq x y z
N SER A 4 -0.98 16.10 16.67
CA SER A 4 -2.14 16.67 17.35
C SER A 4 -1.96 18.17 17.54
N SER A 5 -1.36 18.83 16.56
CA SER A 5 -1.15 20.27 16.64
C SER A 5 -2.43 21.05 16.45
N LEU A 6 -3.42 20.48 15.76
CA LEU A 6 -4.68 21.21 15.54
C LEU A 6 -5.39 21.48 16.86
N HIS A 7 -5.60 20.45 17.66
CA HIS A 7 -6.37 20.59 18.89
C HIS A 7 -5.97 19.46 19.83
N PRO A 8 -5.88 19.71 21.14
CA PRO A 8 -5.54 18.62 22.06
C PRO A 8 -6.53 17.47 22.04
N SER A 9 -7.79 17.75 21.72
CA SER A 9 -8.83 16.72 21.75
C SER A 9 -8.69 15.70 20.62
N ILE A 10 -7.81 15.94 19.65
CA ILE A 10 -7.63 15.01 18.54
C ILE A 10 -6.86 13.80 19.05
N PRO A 11 -7.43 12.60 18.98
CA PRO A 11 -6.69 11.42 19.45
C PRO A 11 -5.51 11.10 18.53
N CYS A 12 -4.41 10.72 19.15
CA CYS A 12 -3.27 10.24 18.37
C CYS A 12 -3.46 8.77 18.00
N PRO A 13 -2.82 8.32 16.92
CA PRO A 13 -2.97 6.92 16.53
C PRO A 13 -2.44 5.99 17.60
N ARG A 14 -3.04 4.80 17.67
CA ARG A 14 -2.67 3.84 18.70
C ARG A 14 -1.27 3.31 18.48
N GLY A 15 -0.59 2.98 19.57
CA GLY A 15 0.75 2.46 19.52
C GLY A 15 0.83 0.97 19.74
N HIS A 16 1.73 0.54 20.62
CA HIS A 16 1.97 -0.88 20.89
C HIS A 16 1.95 -1.18 22.39
N GLY A 17 1.16 -0.43 23.15
CA GLY A 17 1.06 -0.70 24.58
C GLY A 17 0.51 -2.07 24.90
N ALA A 18 -0.40 -2.56 24.07
CA ALA A 18 -0.97 -3.89 24.29
C ALA A 18 0.11 -4.96 24.23
N GLN A 19 1.04 -4.84 23.29
CA GLN A 19 2.11 -5.83 23.17
C GLN A 19 3.04 -5.79 24.38
N LYS A 20 3.34 -4.59 24.88
CA LYS A 20 4.18 -4.48 26.07
C LYS A 20 3.49 -5.09 27.28
N ALA A 21 2.20 -4.82 27.46
CA ALA A 21 1.46 -5.42 28.55
C ALA A 21 1.41 -6.93 28.40
N ALA A 22 1.29 -7.42 27.18
CA ALA A 22 1.29 -8.86 26.94
C ALA A 22 2.63 -9.49 27.30
N LEU A 23 3.72 -8.79 26.98
CA LEU A 23 5.04 -9.30 27.36
C LEU A 23 5.18 -9.36 28.87
N VAL A 24 4.73 -8.33 29.56
CA VAL A 24 4.76 -8.35 31.03
C VAL A 24 3.93 -9.51 31.57
N LEU A 25 2.75 -9.72 30.99
CA LEU A 25 1.89 -10.82 31.43
C LEU A 25 2.57 -12.16 31.20
N LEU A 26 3.22 -12.32 30.06
CA LEU A 26 3.93 -13.56 29.76
C LEU A 26 5.04 -13.81 30.78
N SER A 27 5.81 -12.78 31.09
CA SER A 27 6.87 -12.92 32.08
C SER A 27 6.30 -13.32 33.44
N ALA A 28 5.21 -12.66 33.85
CA ALA A 28 4.61 -12.98 35.14
C ALA A 28 4.10 -14.41 35.17
N CYS A 29 3.47 -14.86 34.08
CA CYS A 29 2.95 -16.22 34.04
C CYS A 29 4.08 -17.24 34.09
N LEU A 30 5.19 -16.98 33.39
CA LEU A 30 6.32 -17.89 33.45
C LEU A 30 6.90 -17.94 34.85
N VAL A 31 7.01 -16.79 35.51
CA VAL A 31 7.52 -16.76 36.88
C VAL A 31 6.60 -17.55 37.81
N THR A 32 5.28 -17.39 37.63
CA THR A 32 4.34 -18.12 38.47
C THR A 32 4.46 -19.62 38.25
N LEU A 33 4.57 -20.05 36.99
CA LEU A 33 4.71 -21.47 36.71
C LEU A 33 6.01 -22.02 37.31
N TRP A 34 7.09 -21.25 37.23
CA TRP A 34 8.33 -21.67 37.86
C TRP A 34 8.16 -21.81 39.38
N GLY A 35 7.49 -20.83 40.00
CA GLY A 35 7.30 -20.88 41.44
C GLY A 35 6.47 -22.07 41.87
N LEU A 36 5.39 -22.36 41.15
CA LEU A 36 4.56 -23.50 41.49
C LEU A 36 5.30 -24.83 41.31
N GLY A 37 6.39 -24.82 40.54
CA GLY A 37 7.23 -26.01 40.44
C GLY A 37 6.52 -27.22 39.87
N GLU A 38 5.80 -27.06 38.77
CA GLU A 38 5.16 -28.17 38.10
C GLU A 38 5.93 -28.56 36.85
N PRO A 39 5.76 -29.81 36.39
CA PRO A 39 6.55 -30.27 35.24
C PRO A 39 6.29 -29.41 34.01
N PRO A 40 7.35 -28.84 33.42
CA PRO A 40 7.15 -28.06 32.19
C PRO A 40 6.59 -28.88 31.04
N GLU A 41 6.78 -30.20 31.05
CA GLU A 41 6.17 -31.03 30.02
C GLU A 41 4.66 -30.92 30.06
N HIS A 42 4.07 -30.94 31.27
CA HIS A 42 2.64 -30.77 31.41
C HIS A 42 2.20 -29.39 30.94
N THR A 43 3.00 -28.37 31.28
CA THR A 43 2.70 -27.01 30.82
C THR A 43 2.60 -26.95 29.30
N LEU A 44 3.63 -27.49 28.63
CA LEU A 44 3.62 -27.49 27.17
C LEU A 44 2.45 -28.27 26.61
N ARG A 45 2.18 -29.44 27.20
CA ARG A 45 1.06 -30.27 26.75
C ARG A 45 -0.23 -29.48 26.80
N TYR A 46 -0.54 -28.87 27.94
CA TYR A 46 -1.82 -28.21 28.11
C TYR A 46 -1.89 -26.93 27.29
N LEU A 47 -0.78 -26.23 27.11
CA LEU A 47 -0.78 -25.05 26.24
C LEU A 47 -1.10 -25.44 24.81
N VAL A 48 -0.48 -26.51 24.32
CA VAL A 48 -0.75 -26.97 22.97
C VAL A 48 -2.20 -27.42 22.83
N LEU A 49 -2.73 -28.08 23.86
CA LEU A 49 -4.12 -28.50 23.80
C LEU A 49 -5.07 -27.30 23.75
N HIS A 50 -4.76 -26.25 24.52
CA HIS A 50 -5.59 -25.05 24.51
C HIS A 50 -5.56 -24.40 23.12
N LEU A 51 -4.38 -24.28 22.53
CA LEU A 51 -4.29 -23.69 21.20
C LEU A 51 -5.03 -24.54 20.17
N ALA A 52 -4.96 -25.86 20.31
CA ALA A 52 -5.71 -26.75 19.43
C ALA A 52 -7.22 -26.53 19.57
N SER A 53 -7.69 -26.36 20.81
CA SER A 53 -9.10 -26.09 21.02
C SER A 53 -9.50 -24.77 20.36
N LEU A 54 -8.65 -23.76 20.45
CA LEU A 54 -8.93 -22.49 19.79
C LEU A 54 -9.02 -22.68 18.27
N GLN A 55 -8.13 -23.48 17.70
CA GLN A 55 -8.17 -23.72 16.27
C GLN A 55 -9.47 -24.43 15.87
N LEU A 56 -9.89 -25.42 16.65
CA LEU A 56 -11.14 -26.12 16.35
C LEU A 56 -12.33 -25.17 16.44
N GLY A 57 -12.31 -24.28 17.43
CA GLY A 57 -13.36 -23.28 17.55
C GLY A 57 -13.41 -22.37 16.34
N LEU A 58 -12.25 -21.92 15.88
CA LEU A 58 -12.20 -21.11 14.65
C LEU A 58 -12.79 -21.87 13.48
N LEU A 59 -12.43 -23.15 13.35
CA LEU A 59 -12.97 -23.95 12.26
C LEU A 59 -14.49 -24.01 12.31
N LEU A 60 -15.04 -24.27 13.49
CA LEU A 60 -16.49 -24.40 13.61
C LEU A 60 -17.19 -23.07 13.33
N ASN A 61 -16.65 -21.96 13.85
CA ASN A 61 -17.26 -20.67 13.60
C ASN A 61 -17.21 -20.33 12.11
N GLY A 62 -16.09 -20.62 11.46
CA GLY A 62 -15.99 -20.37 10.03
C GLY A 62 -16.96 -21.22 9.24
N VAL A 63 -17.15 -22.47 9.65
CA VAL A 63 -18.12 -23.32 8.98
C VAL A 63 -19.52 -22.74 9.12
N CYS A 64 -19.84 -22.23 10.31
CA CYS A 64 -21.15 -21.62 10.51
C CYS A 64 -21.32 -20.38 9.62
N SER A 65 -20.29 -19.55 9.54
CA SER A 65 -20.38 -18.35 8.71
C SER A 65 -20.43 -18.68 7.23
N LEU A 66 -19.87 -19.83 6.84
CA LEU A 66 -19.86 -20.23 5.44
C LEU A 66 -21.26 -20.42 4.90
N ALA A 67 -22.18 -20.90 5.74
CA ALA A 67 -23.55 -21.11 5.30
C ALA A 67 -24.17 -19.81 4.81
N GLU A 68 -23.91 -18.71 5.52
CA GLU A 68 -24.42 -17.41 5.10
C GLU A 68 -23.63 -16.88 3.91
N GLU A 69 -22.30 -17.01 3.94
CA GLU A 69 -21.49 -16.38 2.91
C GLU A 69 -21.64 -17.06 1.56
N LEU A 70 -22.08 -18.32 1.52
CA LEU A 70 -22.29 -18.99 0.24
C LEU A 70 -23.45 -18.37 -0.52
N ARG A 71 -24.40 -17.77 0.18
CA ARG A 71 -25.52 -17.11 -0.49
C ARG A 71 -25.07 -15.91 -1.32
N HIS A 72 -23.90 -15.35 -1.00
CA HIS A 72 -23.37 -14.20 -1.71
C HIS A 72 -22.16 -14.57 -2.57
N ILE A 73 -22.08 -15.83 -3.00
CA ILE A 73 -20.90 -16.30 -3.71
C ILE A 73 -20.75 -15.58 -5.04
N HIS A 74 -21.87 -15.43 -5.77
CA HIS A 74 -21.78 -14.81 -7.10
C HIS A 74 -21.54 -13.32 -7.01
N SER A 75 -22.06 -12.65 -5.97
CA SER A 75 -21.95 -11.20 -5.89
C SER A 75 -20.64 -10.78 -5.24
N ARG A 76 -20.40 -11.21 -4.00
CA ARG A 76 -19.23 -10.75 -3.27
C ARG A 76 -17.96 -11.45 -3.72
N TYR A 77 -18.04 -12.75 -4.02
CA TYR A 77 -16.86 -13.58 -4.18
C TYR A 77 -16.68 -14.10 -5.60
N ARG A 78 -17.43 -13.57 -6.57
CA ARG A 78 -17.18 -13.84 -7.99
C ARG A 78 -17.25 -15.34 -8.31
N GLY A 79 -18.22 -16.03 -7.69
CA GLY A 79 -18.46 -17.42 -8.01
C GLY A 79 -17.35 -18.36 -7.62
N SER A 80 -16.40 -17.94 -6.80
CA SER A 80 -15.28 -18.79 -6.40
C SER A 80 -15.52 -19.32 -5.00
N TYR A 81 -15.64 -20.65 -4.89
CA TYR A 81 -15.80 -21.27 -3.58
C TYR A 81 -14.56 -21.06 -2.72
N TRP A 82 -13.37 -21.12 -3.34
CA TRP A 82 -12.14 -20.94 -2.59
C TRP A 82 -12.05 -19.55 -1.99
N ARG A 83 -12.58 -18.55 -2.69
CA ARG A 83 -12.58 -17.19 -2.15
C ARG A 83 -13.48 -17.10 -0.92
N THR A 84 -14.65 -17.73 -0.96
CA THR A 84 -15.51 -17.75 0.21
C THR A 84 -14.85 -18.47 1.37
N VAL A 85 -14.18 -19.58 1.09
CA VAL A 85 -13.50 -20.33 2.14
C VAL A 85 -12.40 -19.49 2.75
N ARG A 86 -11.62 -18.78 1.92
CA ARG A 86 -10.57 -17.93 2.45
C ARG A 86 -11.16 -16.78 3.27
N ALA A 87 -12.32 -16.27 2.87
CA ALA A 87 -12.94 -15.18 3.63
C ALA A 87 -13.47 -15.66 4.97
N CYS A 88 -13.98 -16.90 5.03
CA CYS A 88 -14.54 -17.41 6.27
C CYS A 88 -13.53 -18.09 7.18
N LEU A 89 -12.35 -18.44 6.67
CA LEU A 89 -11.37 -19.19 7.44
C LEU A 89 -9.95 -18.67 7.33
N GLY A 90 -9.66 -17.75 6.41
CA GLY A 90 -8.29 -17.35 6.17
C GLY A 90 -7.60 -18.31 5.22
N CYS A 91 -6.28 -18.21 5.19
CA CYS A 91 -5.49 -19.06 4.31
C CYS A 91 -5.80 -20.53 4.59
N PRO A 92 -6.48 -21.23 3.69
CA PRO A 92 -6.87 -22.62 3.99
C PRO A 92 -5.69 -23.53 4.24
N LEU A 93 -4.54 -23.28 3.61
CA LEU A 93 -3.39 -24.15 3.82
C LEU A 93 -2.90 -24.09 5.27
N ARG A 94 -2.72 -22.88 5.79
CA ARG A 94 -2.27 -22.71 7.16
C ARG A 94 -3.28 -23.31 8.14
N ARG A 95 -4.58 -23.05 7.91
CA ARG A 95 -5.60 -23.56 8.81
C ARG A 95 -5.64 -25.07 8.79
N GLY A 96 -5.51 -25.67 7.60
CA GLY A 96 -5.50 -27.12 7.51
C GLY A 96 -4.29 -27.73 8.19
N ALA A 97 -3.12 -27.11 8.03
CA ALA A 97 -1.94 -27.61 8.70
C ALA A 97 -2.11 -27.55 10.21
N LEU A 98 -2.63 -26.44 10.73
CA LEU A 98 -2.84 -26.32 12.16
C LEU A 98 -3.87 -27.33 12.66
N LEU A 99 -4.91 -27.58 11.86
CA LEU A 99 -5.90 -28.59 12.24
C LEU A 99 -5.29 -29.98 12.29
N LEU A 100 -4.46 -30.32 11.31
CA LEU A 100 -3.79 -31.62 11.35
C LEU A 100 -2.90 -31.75 12.57
N LEU A 101 -2.13 -30.70 12.87
CA LEU A 101 -1.27 -30.75 14.04
C LEU A 101 -2.08 -30.90 15.33
N SER A 102 -3.20 -30.18 15.43
CA SER A 102 -4.03 -30.27 16.61
C SER A 102 -4.60 -31.67 16.77
N ILE A 103 -5.11 -32.24 15.67
CA ILE A 103 -5.63 -33.60 15.72
C ILE A 103 -4.55 -34.57 16.18
N TYR A 104 -3.36 -34.46 15.60
CA TYR A 104 -2.28 -35.36 15.96
C TYR A 104 -1.96 -35.25 17.45
N PHE A 105 -1.69 -34.04 17.92
CA PHE A 105 -1.25 -33.85 19.30
C PHE A 105 -2.38 -34.00 20.31
N TYR A 106 -3.63 -34.12 19.87
CA TYR A 106 -4.71 -34.43 20.80
C TYR A 106 -4.96 -35.93 20.83
N TYR A 107 -5.30 -36.52 19.68
CA TYR A 107 -5.59 -37.95 19.63
C TYR A 107 -4.39 -38.79 20.04
N SER A 108 -3.18 -38.23 20.00
CA SER A 108 -1.98 -39.00 20.32
C SER A 108 -1.43 -38.70 21.71
N LEU A 109 -1.79 -37.57 22.30
CA LEU A 109 -1.34 -37.26 23.65
C LEU A 109 -2.33 -37.80 24.68
N PRO A 110 -1.90 -37.92 25.95
CA PRO A 110 -2.80 -38.40 27.01
C PRO A 110 -4.06 -37.55 27.14
N PRO A 116 -10.84 -38.27 24.98
CA PRO A 116 -11.50 -38.60 23.72
C PRO A 116 -11.63 -37.39 22.82
N PHE A 117 -11.27 -37.55 21.54
CA PHE A 117 -11.27 -36.40 20.63
C PHE A 117 -12.68 -36.01 20.22
N THR A 118 -13.53 -37.00 19.94
CA THR A 118 -14.87 -36.69 19.46
C THR A 118 -15.71 -36.03 20.55
N TRP A 119 -15.55 -36.46 21.79
CA TRP A 119 -16.30 -35.85 22.89
C TRP A 119 -15.92 -34.38 23.06
N MET A 120 -14.61 -34.10 23.06
CA MET A 120 -14.17 -32.72 23.16
C MET A 120 -14.63 -31.90 21.97
N LEU A 121 -14.62 -32.50 20.78
CA LEU A 121 -15.10 -31.80 19.60
C LEU A 121 -16.56 -31.42 19.74
N ALA A 122 -17.38 -32.35 20.23
CA ALA A 122 -18.79 -32.06 20.44
C ALA A 122 -18.98 -30.95 21.46
N LEU A 123 -18.20 -31.00 22.55
CA LEU A 123 -18.31 -29.97 23.57
C LEU A 123 -17.96 -28.59 23.01
N LEU A 124 -16.87 -28.52 22.24
CA LEU A 124 -16.46 -27.25 21.65
C LEU A 124 -17.50 -26.74 20.66
N GLY A 125 -18.06 -27.65 19.87
CA GLY A 125 -19.11 -27.25 18.95
C GLY A 125 -20.34 -26.70 19.68
N LEU A 126 -20.70 -27.34 20.79
CA LEU A 126 -21.80 -26.84 21.60
C LEU A 126 -21.50 -25.44 22.12
N SER A 127 -20.28 -25.23 22.61
CA SER A 127 -19.92 -23.92 23.13
C SER A 127 -19.96 -22.85 22.04
N GLN A 128 -19.43 -23.16 20.85
CA GLN A 128 -19.44 -22.19 19.76
C GLN A 128 -20.87 -21.90 19.31
N ALA A 129 -21.71 -22.93 19.22
CA ALA A 129 -23.10 -22.71 18.85
C ALA A 129 -23.80 -21.81 19.86
N LEU A 130 -23.52 -22.01 21.15
CA LEU A 130 -24.10 -21.14 22.16
C LEU A 130 -23.62 -19.70 21.98
N ASN A 131 -22.31 -19.52 21.76
CA ASN A 131 -21.78 -18.17 21.60
C ASN A 131 -22.41 -17.48 20.38
N ILE A 132 -22.70 -18.24 19.34
CA ILE A 132 -23.28 -17.65 18.14
C ILE A 132 -24.75 -17.32 18.36
N LEU A 133 -25.52 -18.28 18.90
CA LEU A 133 -26.95 -18.09 19.04
C LEU A 133 -27.27 -16.96 20.02
N LEU A 134 -26.49 -16.85 21.09
CA LEU A 134 -26.73 -15.83 22.11
C LEU A 134 -26.05 -14.50 21.80
N GLY A 135 -25.38 -14.38 20.66
CA GLY A 135 -24.77 -13.14 20.26
C GLY A 135 -23.65 -12.70 21.18
N LEU A 136 -22.75 -13.62 21.52
CA LEU A 136 -21.63 -13.34 22.40
C LEU A 136 -20.33 -13.10 21.64
N LYS A 137 -20.36 -13.15 20.31
CA LYS A 137 -19.16 -12.95 19.51
C LYS A 137 -18.80 -11.49 19.34
N GLY A 138 -19.66 -10.58 19.79
CA GLY A 138 -19.41 -9.16 19.63
C GLY A 138 -18.13 -8.69 20.28
N LEU A 139 -17.34 -7.92 19.54
CA LEU A 139 -16.11 -7.36 20.06
C LEU A 139 -16.41 -6.13 20.92
N ALA A 140 -15.44 -5.76 21.73
CA ALA A 140 -15.55 -4.56 22.53
C ALA A 140 -15.34 -3.31 21.67
N PRO A 141 -15.84 -2.16 22.12
CA PRO A 141 -15.71 -0.95 21.30
C PRO A 141 -14.28 -0.60 20.94
N ALA A 142 -13.34 -0.79 21.87
CA ALA A 142 -11.96 -0.42 21.60
C ALA A 142 -11.36 -1.27 20.47
N GLU A 143 -11.63 -2.58 20.50
CA GLU A 143 -11.11 -3.45 19.44
C GLU A 143 -11.72 -3.10 18.10
N ILE A 144 -13.03 -2.81 18.08
CA ILE A 144 -13.67 -2.40 16.83
C ILE A 144 -13.06 -1.13 16.30
N SER A 145 -12.83 -0.16 17.18
CA SER A 145 -12.25 1.11 16.75
C SER A 145 -10.84 0.91 16.21
N ALA A 146 -10.04 0.09 16.89
CA ALA A 146 -8.68 -0.17 16.41
C ALA A 146 -8.70 -0.85 15.06
N VAL A 147 -9.60 -1.83 14.87
CA VAL A 147 -9.70 -2.51 13.58
C VAL A 147 -10.09 -1.52 12.50
N CYS A 148 -11.07 -0.66 12.79
CA CYS A 148 -11.54 0.29 11.78
C CYS A 148 -10.45 1.28 11.41
N GLU A 149 -9.69 1.76 12.41
CA GLU A 149 -8.62 2.69 12.12
C GLU A 149 -7.50 2.04 11.32
N LYS A 150 -7.12 0.81 11.70
CA LYS A 150 -6.06 0.12 10.96
C LYS A 150 -6.48 -0.15 9.53
N GLY A 151 -7.71 -0.59 9.32
CA GLY A 151 -8.22 -0.85 7.99
C GLY A 151 -8.90 0.32 7.32
N ASN A 152 -8.91 1.49 7.97
CA ASN A 152 -9.55 2.68 7.42
C ASN A 152 -11.00 2.42 7.06
N PHE A 153 -11.71 1.76 7.98
CA PHE A 153 -13.14 1.49 7.84
C PHE A 153 -13.94 2.58 8.57
N ASN A 154 -13.75 3.81 8.14
CA ASN A 154 -14.38 4.97 8.74
C ASN A 154 -14.97 5.86 7.67
N VAL A 155 -16.10 6.48 7.99
CA VAL A 155 -16.72 7.42 7.05
C VAL A 155 -15.87 8.67 6.91
N ALA A 156 -15.22 9.10 7.99
CA ALA A 156 -14.42 10.31 7.96
C ALA A 156 -13.26 10.18 6.98
N HIS A 157 -12.69 8.98 6.87
CA HIS A 157 -11.61 8.76 5.91
C HIS A 157 -12.06 9.11 4.50
N GLY A 158 -13.19 8.53 4.07
CA GLY A 158 -13.70 8.81 2.75
C GLY A 158 -14.12 10.25 2.58
N LEU A 159 -14.71 10.84 3.62
CA LEU A 159 -15.12 12.23 3.53
C LEU A 159 -13.93 13.15 3.32
N ALA A 160 -12.85 12.93 4.09
CA ALA A 160 -11.67 13.76 3.95
C ALA A 160 -11.02 13.58 2.59
N TRP A 161 -10.93 12.34 2.10
CA TRP A 161 -10.32 12.13 0.79
C TRP A 161 -11.19 12.74 -0.31
N SER A 162 -12.50 12.69 -0.16
CA SER A 162 -13.38 13.34 -1.12
C SER A 162 -13.19 14.84 -1.10
N TYR A 163 -13.06 15.42 0.10
CA TYR A 163 -12.86 16.86 0.21
C TYR A 163 -11.56 17.28 -0.46
N TYR A 164 -10.50 16.49 -0.26
CA TYR A 164 -9.22 16.82 -0.89
C TYR A 164 -9.29 16.68 -2.40
N ILE A 165 -9.84 15.56 -2.87
CA ILE A 165 -9.79 15.26 -4.30
C ILE A 165 -10.71 16.18 -5.09
N GLY A 166 -11.95 16.33 -4.64
CA GLY A 166 -12.94 17.04 -5.43
C GLY A 166 -12.86 18.54 -5.33
N TYR A 167 -12.34 19.06 -4.23
CA TYR A 167 -12.36 20.51 -3.99
C TYR A 167 -10.96 21.10 -3.90
N LEU A 168 -10.12 20.65 -2.97
CA LEU A 168 -8.86 21.33 -2.71
C LEU A 168 -7.87 21.10 -3.84
N ARG A 169 -7.75 19.85 -4.29
CA ARG A 169 -6.82 19.52 -5.38
C ARG A 169 -7.14 20.29 -6.64
N LEU A 170 -8.37 20.78 -6.77
CA LEU A 170 -8.81 21.53 -7.94
C LEU A 170 -8.90 23.03 -7.68
N ILE A 171 -8.62 23.48 -6.45
CA ILE A 171 -8.84 24.86 -6.04
C ILE A 171 -7.56 25.55 -5.64
N LEU A 172 -6.69 24.86 -4.90
CA LEU A 172 -5.51 25.53 -4.34
C LEU A 172 -4.58 26.09 -5.40
N PRO A 173 -4.26 25.37 -6.49
CA PRO A 173 -3.28 25.92 -7.45
C PRO A 173 -3.66 27.28 -8.03
N GLU A 174 -4.93 27.48 -8.37
CA GLU A 174 -5.38 28.73 -8.98
C GLU A 174 -5.74 29.79 -7.95
N LEU A 175 -5.63 29.48 -6.66
CA LEU A 175 -6.03 30.43 -5.64
C LEU A 175 -5.16 31.68 -5.68
N GLN A 176 -3.85 31.50 -5.83
CA GLN A 176 -2.96 32.67 -5.88
C GLN A 176 -3.29 33.55 -7.07
N ALA A 177 -3.54 32.95 -8.24
CA ALA A 177 -3.87 33.74 -9.42
C ALA A 177 -5.17 34.52 -9.21
N ARG A 178 -6.19 33.85 -8.68
CA ARG A 178 -7.46 34.52 -8.44
C ARG A 178 -7.29 35.65 -7.44
N ILE A 179 -6.48 35.43 -6.40
CA ILE A 179 -6.25 36.46 -5.39
C ILE A 179 -5.55 37.67 -6.01
N ARG A 180 -4.53 37.42 -6.82
CA ARG A 180 -3.84 38.53 -7.48
C ARG A 180 -4.78 39.30 -8.39
N THR A 181 -5.61 38.59 -9.15
CA THR A 181 -6.57 39.26 -10.01
C THR A 181 -7.51 40.15 -9.20
N TYR A 182 -8.05 39.62 -8.11
CA TYR A 182 -8.97 40.40 -7.29
C TYR A 182 -8.26 41.61 -6.69
N ASN A 183 -7.03 41.43 -6.24
CA ASN A 183 -6.32 42.52 -5.58
C ASN A 183 -5.98 43.63 -6.56
N GLN A 184 -5.51 43.28 -7.76
CA GLN A 184 -5.17 44.30 -8.74
C GLN A 184 -6.42 44.98 -9.28
N HIS A 185 -7.52 44.23 -9.40
CA HIS A 185 -8.77 44.79 -9.90
C HIS A 185 -9.58 45.49 -8.82
N TYR A 186 -9.09 45.53 -7.59
CA TYR A 186 -9.82 46.16 -6.50
C TYR A 186 -8.88 46.50 -5.34
N GLY A 192 -8.95 44.52 1.13
CA GLY A 192 -8.40 44.44 -0.20
C GLY A 192 -7.17 43.54 -0.28
N ALA A 193 -6.23 43.76 0.64
CA ALA A 193 -5.02 42.96 0.71
C ALA A 193 -5.29 41.62 1.40
N VAL A 194 -6.16 40.83 0.77
CA VAL A 194 -6.55 39.55 1.34
C VAL A 194 -5.32 38.66 1.44
N SER A 195 -5.20 37.96 2.56
CA SER A 195 -4.08 37.04 2.76
C SER A 195 -4.14 35.93 1.72
N GLN A 196 -2.96 35.49 1.29
CA GLN A 196 -2.83 34.53 0.20
C GLN A 196 -2.97 33.08 0.67
N ARG A 197 -4.02 32.81 1.45
CA ARG A 197 -4.30 31.46 1.92
C ARG A 197 -5.79 31.28 2.11
N LEU A 198 -6.22 30.03 2.03
CA LEU A 198 -7.60 29.64 2.26
C LEU A 198 -7.72 29.11 3.69
N TYR A 199 -8.61 29.71 4.47
CA TYR A 199 -8.77 29.37 5.88
C TYR A 199 -10.03 28.53 6.06
N ILE A 200 -9.83 27.29 6.46
CA ILE A 200 -10.90 26.29 6.57
C ILE A 200 -11.20 26.08 8.03
N LEU A 201 -12.45 26.30 8.42
CA LEU A 201 -12.89 26.14 9.80
C LEU A 201 -13.36 24.72 10.05
N LEU A 202 -13.00 24.20 11.22
CA LEU A 202 -13.34 22.83 11.63
C LEU A 202 -13.94 22.88 13.03
N PRO A 203 -15.26 23.03 13.12
CA PRO A 203 -15.93 22.90 14.41
C PRO A 203 -16.16 21.44 14.77
N LEU A 204 -15.49 20.99 15.84
CA LEU A 204 -15.62 19.60 16.25
C LEU A 204 -17.03 19.26 16.70
N ASP A 205 -17.82 20.27 17.08
CA ASP A 205 -19.24 20.06 17.35
C ASP A 205 -20.05 19.90 16.07
N CYS A 206 -19.44 20.14 14.91
CA CYS A 206 -20.09 19.96 13.62
C CYS A 206 -21.26 20.92 13.41
N GLY A 207 -21.29 22.01 14.16
CA GLY A 207 -22.29 23.05 13.92
C GLY A 207 -21.85 24.00 12.83
N VAL A 208 -22.40 23.82 11.63
CA VAL A 208 -21.97 24.54 10.45
C VAL A 208 -23.15 25.37 9.93
N PRO A 209 -23.22 26.64 10.28
CA PRO A 209 -24.24 27.51 9.69
C PRO A 209 -23.90 27.94 8.28
N ASP A 210 -24.93 28.31 7.54
CA ASP A 210 -24.74 28.76 6.16
C ASP A 210 -24.24 30.19 6.07
N ASN A 211 -24.38 30.97 7.13
CA ASN A 211 -23.92 32.36 7.16
C ASN A 211 -23.06 32.57 8.41
N LEU A 212 -21.81 32.97 8.20
CA LEU A 212 -20.91 33.19 9.33
C LEU A 212 -21.35 34.37 10.17
N SER A 213 -21.91 35.40 9.54
CA SER A 213 -22.34 36.58 10.29
C SER A 213 -23.28 36.19 11.42
N MET A 214 -24.09 35.14 11.22
CA MET A 214 -24.94 34.65 12.29
C MET A 214 -24.11 34.12 13.45
N ALA A 215 -23.02 33.43 13.14
CA ALA A 215 -22.17 32.87 14.19
C ALA A 215 -21.42 33.96 14.94
N ASP A 216 -20.92 34.96 14.21
CA ASP A 216 -20.15 36.03 14.83
C ASP A 216 -20.26 37.30 13.98
N PRO A 217 -20.84 38.38 14.52
CA PRO A 217 -20.96 39.61 13.73
C PRO A 217 -19.62 40.17 13.29
N ASN A 218 -18.55 39.92 14.03
CA ASN A 218 -17.26 40.50 13.68
C ASN A 218 -16.78 40.03 12.32
N ILE A 219 -17.33 38.93 11.81
CA ILE A 219 -17.00 38.43 10.48
C ILE A 219 -18.08 38.94 9.53
N ARG A 220 -17.67 39.65 8.47
CA ARG A 220 -18.62 40.23 7.54
C ARG A 220 -18.18 40.00 6.11
N PHE A 221 -19.15 39.67 5.26
CA PHE A 221 -18.87 39.39 3.85
C PHE A 221 -18.50 40.68 3.11
N LEU A 222 -17.56 40.56 2.18
CA LEU A 222 -17.14 41.71 1.37
C LEU A 222 -17.48 41.50 -0.10
N ASP A 223 -16.97 40.45 -0.72
CA ASP A 223 -17.12 40.25 -2.16
C ASP A 223 -16.78 38.80 -2.47
N LYS A 224 -16.65 38.46 -3.74
CA LYS A 224 -16.36 37.11 -4.18
C LYS A 224 -15.23 37.12 -5.18
N LEU A 225 -14.36 36.11 -5.08
CA LEU A 225 -13.28 35.98 -6.04
C LEU A 225 -13.83 35.60 -7.41
N PRO A 226 -13.06 35.84 -8.47
CA PRO A 226 -13.48 35.35 -9.79
C PRO A 226 -13.70 33.85 -9.78
N GLN A 227 -14.89 33.44 -10.22
CA GLN A 227 -15.26 32.04 -10.15
C GLN A 227 -14.30 31.17 -10.95
N GLN A 228 -13.92 30.04 -10.36
CA GLN A 228 -13.16 29.03 -11.10
C GLN A 228 -14.13 28.08 -11.79
N THR A 229 -13.71 27.55 -12.93
CA THR A 229 -14.61 26.75 -13.75
C THR A 229 -13.89 25.51 -14.25
N GLY A 230 -14.67 24.45 -14.45
CA GLY A 230 -14.12 23.21 -14.99
C GLY A 230 -15.23 22.22 -15.25
N ASP A 231 -14.88 21.18 -16.01
CA ASP A 231 -15.79 20.09 -16.32
C ASP A 231 -15.58 18.95 -15.35
N ARG A 232 -16.68 18.38 -14.86
CA ARG A 232 -16.62 17.36 -13.83
C ARG A 232 -17.75 16.37 -14.03
N ALA A 233 -17.41 15.11 -14.26
CA ALA A 233 -18.36 14.00 -14.23
C ALA A 233 -19.59 14.29 -15.06
N GLY A 234 -19.36 14.54 -16.35
CA GLY A 234 -20.43 14.81 -17.28
C GLY A 234 -21.01 16.21 -17.19
N ILE A 235 -20.79 16.91 -16.09
CA ILE A 235 -21.23 18.29 -15.94
C ILE A 235 -20.10 19.20 -16.36
N LYS A 236 -20.36 20.08 -17.33
CA LYS A 236 -19.38 21.03 -17.82
C LYS A 236 -19.76 22.43 -17.36
N ASP A 237 -18.74 23.28 -17.28
CA ASP A 237 -18.90 24.64 -16.76
C ASP A 237 -19.32 24.63 -15.30
N ARG A 238 -18.98 23.56 -14.58
CA ARG A 238 -19.18 23.54 -13.13
C ARG A 238 -18.25 24.55 -12.49
N VAL A 239 -18.80 25.37 -11.60
CA VAL A 239 -18.10 26.53 -11.08
C VAL A 239 -17.89 26.37 -9.58
N TYR A 240 -16.68 26.68 -9.13
CA TYR A 240 -16.35 26.78 -7.73
C TYR A 240 -16.14 28.25 -7.39
N SER A 241 -16.80 28.70 -6.32
CA SER A 241 -16.76 30.09 -5.89
C SER A 241 -16.31 30.16 -4.45
N ASN A 242 -15.59 31.23 -4.11
CA ASN A 242 -15.11 31.48 -2.77
C ASN A 242 -15.50 32.88 -2.35
N SER A 243 -15.58 33.09 -1.05
CA SER A 243 -16.02 34.36 -0.47
C SER A 243 -14.89 34.99 0.33
N ILE A 244 -14.93 36.32 0.40
CA ILE A 244 -13.96 37.10 1.16
C ILE A 244 -14.66 37.69 2.36
N TYR A 245 -14.04 37.56 3.53
CA TYR A 245 -14.61 38.00 4.79
C TYR A 245 -13.64 38.92 5.51
N GLU A 246 -14.18 39.98 6.09
CA GLU A 246 -13.43 40.89 6.94
C GLU A 246 -13.66 40.54 8.40
N LEU A 247 -12.58 40.56 9.16
CA LEU A 247 -12.59 40.30 10.60
C LEU A 247 -12.32 41.61 11.31
N LEU A 248 -13.22 41.97 12.21
CA LEU A 248 -13.20 43.25 12.90
C LEU A 248 -12.71 43.09 14.33
N GLU A 249 -12.21 44.20 14.88
CA GLU A 249 -11.84 44.31 16.29
C GLU A 249 -12.39 45.62 16.82
N ASN A 250 -13.07 45.55 17.96
CA ASN A 250 -13.66 46.72 18.61
C ASN A 250 -14.34 47.62 17.60
N GLY A 251 -15.03 47.03 16.62
CA GLY A 251 -15.74 47.79 15.62
C GLY A 251 -14.91 48.24 14.44
N GLN A 252 -13.60 48.02 14.47
CA GLN A 252 -12.71 48.42 13.39
C GLN A 252 -12.12 47.20 12.71
N ARG A 253 -11.86 47.33 11.41
CA ARG A 253 -11.31 46.22 10.65
C ARG A 253 -9.95 45.81 11.20
N ALA A 254 -9.71 44.51 11.24
CA ALA A 254 -8.45 43.95 11.65
C ALA A 254 -7.83 43.01 10.63
N GLY A 255 -8.64 42.37 9.79
CA GLY A 255 -8.06 41.52 8.75
C GLY A 255 -9.08 41.19 7.69
N THR A 256 -8.60 40.55 6.63
CA THR A 256 -9.44 40.05 5.55
C THR A 256 -8.86 38.74 5.05
N CYS A 257 -9.74 37.80 4.74
CA CYS A 257 -9.28 36.47 4.34
C CYS A 257 -10.35 35.74 3.55
N VAL A 258 -9.90 34.72 2.82
CA VAL A 258 -10.80 33.79 2.13
C VAL A 258 -11.11 32.68 3.12
N LEU A 259 -12.25 32.80 3.79
CA LEU A 259 -12.62 31.92 4.89
C LEU A 259 -13.82 31.08 4.50
N GLU A 260 -13.84 29.84 4.95
CA GLU A 260 -15.00 29.00 4.70
C GLU A 260 -15.02 27.83 5.68
N TYR A 261 -16.20 27.23 5.83
CA TYR A 261 -16.38 26.04 6.62
C TYR A 261 -16.08 24.80 5.79
N ALA A 262 -15.80 23.70 6.48
CA ALA A 262 -15.64 22.39 5.85
C ALA A 262 -17.02 21.78 5.68
N THR A 263 -17.49 21.74 4.44
CA THR A 263 -18.86 21.28 4.18
C THR A 263 -19.12 19.87 4.70
N PRO A 264 -18.21 18.90 4.57
CA PRO A 264 -18.55 17.53 4.98
C PRO A 264 -19.05 17.42 6.41
N LEU A 265 -18.62 18.31 7.30
CA LEU A 265 -19.07 18.23 8.69
C LEU A 265 -20.59 18.34 8.76
N GLN A 266 -21.19 19.19 7.94
CA GLN A 266 -22.64 19.27 7.88
C GLN A 266 -23.23 17.87 7.73
N THR A 267 -22.71 17.11 6.77
CA THR A 267 -23.18 15.74 6.57
C THR A 267 -23.13 14.96 7.87
N LEU A 268 -21.98 14.99 8.55
CA LEU A 268 -21.85 14.26 9.81
C LEU A 268 -22.95 14.67 10.79
N PHE A 269 -23.29 15.96 10.83
CA PHE A 269 -24.38 16.39 11.67
C PHE A 269 -25.70 15.81 11.19
N ALA A 270 -25.99 15.95 9.90
CA ALA A 270 -27.27 15.49 9.37
C ALA A 270 -27.42 13.99 9.56
N MET A 271 -26.36 13.23 9.32
CA MET A 271 -26.42 11.78 9.52
C MET A 271 -26.80 11.42 10.94
N SER A 272 -26.45 12.27 11.91
CA SER A 272 -26.82 11.99 13.29
C SER A 272 -28.29 12.28 13.55
N GLN A 273 -28.89 13.19 12.79
CA GLN A 273 -30.31 13.49 12.95
C GLN A 273 -31.18 12.39 12.36
N TYR A 274 -30.84 11.92 11.16
CA TYR A 274 -31.61 10.87 10.52
C TYR A 274 -31.39 9.54 11.23
N SER A 275 -32.45 8.75 11.33
CA SER A 275 -32.38 7.44 11.95
C SER A 275 -31.95 6.35 10.97
N GLN A 276 -32.22 6.55 9.68
CA GLN A 276 -31.84 5.57 8.68
C GLN A 276 -30.34 5.48 8.49
N ALA A 277 -29.57 6.41 9.04
CA ALA A 277 -28.13 6.43 8.86
C ALA A 277 -27.38 5.60 9.89
N GLY A 278 -28.03 5.22 10.99
CA GLY A 278 -27.37 4.46 12.03
C GLY A 278 -26.14 5.18 12.56
N PHE A 279 -26.30 6.45 12.87
CA PHE A 279 -25.20 7.31 13.27
C PHE A 279 -25.61 8.10 14.50
N SER A 280 -24.77 8.06 15.54
CA SER A 280 -25.05 8.69 16.81
C SER A 280 -24.16 9.92 16.98
N ARG A 281 -24.33 10.59 18.12
CA ARG A 281 -23.57 11.82 18.40
C ARG A 281 -22.13 11.51 18.81
N GLU A 282 -21.93 10.44 19.56
CA GLU A 282 -20.57 10.04 19.92
C GLU A 282 -19.78 9.66 18.67
N ASP A 283 -20.42 8.89 17.78
CA ASP A 283 -19.81 8.61 16.48
C ASP A 283 -19.55 9.90 15.72
N ARG A 284 -20.45 10.87 15.84
CA ARG A 284 -20.26 12.15 15.17
C ARG A 284 -18.98 12.83 15.64
N LEU A 285 -18.79 12.93 16.96
CA LEU A 285 -17.59 13.55 17.50
C LEU A 285 -16.34 12.80 17.07
N GLU A 286 -16.36 11.48 17.23
CA GLU A 286 -15.18 10.68 16.89
C GLU A 286 -14.82 10.85 15.42
N GLN A 287 -15.83 10.80 14.54
CA GLN A 287 -15.57 10.90 13.11
C GLN A 287 -15.14 12.30 12.71
N ALA A 288 -15.65 13.33 13.39
CA ALA A 288 -15.19 14.68 13.09
C ALA A 288 -13.71 14.84 13.42
N LYS A 289 -13.31 14.35 14.60
CA LYS A 289 -11.90 14.45 14.97
C LYS A 289 -11.03 13.62 14.03
N LEU A 290 -11.50 12.43 13.66
CA LEU A 290 -10.76 11.60 12.72
C LEU A 290 -10.66 12.28 11.35
N PHE A 291 -11.72 12.97 10.94
CA PHE A 291 -11.70 13.72 9.69
C PHE A 291 -10.64 14.80 9.72
N CYS A 292 -10.60 15.56 10.80
CA CYS A 292 -9.57 16.60 10.94
C CYS A 292 -8.18 15.99 10.85
N ARG A 293 -7.96 14.89 11.58
CA ARG A 293 -6.64 14.27 11.59
C ARG A 293 -6.24 13.78 10.21
N THR A 294 -7.17 13.10 9.51
CA THR A 294 -6.87 12.57 8.20
C THR A 294 -6.59 13.68 7.20
N LEU A 295 -7.37 14.77 7.26
CA LEU A 295 -7.13 15.87 6.35
C LEU A 295 -5.78 16.52 6.61
N GLU A 296 -5.41 16.69 7.88
CA GLU A 296 -4.10 17.22 8.20
C GLU A 296 -3.00 16.33 7.64
N ASP A 297 -3.13 15.03 7.84
CA ASP A 297 -2.11 14.10 7.33
C ASP A 297 -2.02 14.18 5.81
N ILE A 298 -3.15 14.29 5.13
CA ILE A 298 -3.14 14.39 3.68
C ILE A 298 -2.42 15.65 3.24
N LEU A 299 -2.78 16.79 3.83
CA LEU A 299 -2.19 18.06 3.40
C LEU A 299 -0.71 18.12 3.71
N ALA A 300 -0.27 17.50 4.81
CA ALA A 300 1.15 17.55 5.16
C ALA A 300 2.04 16.95 4.09
N ASP A 301 1.50 16.08 3.25
CA ASP A 301 2.28 15.41 2.21
C ASP A 301 1.85 15.77 0.80
N ALA A 302 0.80 16.57 0.64
CA ALA A 302 0.31 16.87 -0.70
C ALA A 302 1.20 17.91 -1.36
N PRO A 303 1.54 17.74 -2.64
CA PRO A 303 2.31 18.78 -3.33
C PRO A 303 1.49 19.99 -3.68
N GLU A 304 0.16 19.84 -3.85
CA GLU A 304 -0.67 20.99 -4.17
C GLU A 304 -0.67 22.02 -3.04
N SER A 305 -0.75 21.55 -1.80
CA SER A 305 -0.80 22.43 -0.63
C SER A 305 0.62 22.82 -0.26
N GLN A 306 1.01 24.05 -0.64
CA GLN A 306 2.30 24.63 -0.26
C GLN A 306 2.01 26.01 0.31
N ASN A 307 1.70 26.04 1.61
CA ASN A 307 1.40 27.29 2.32
C ASN A 307 0.16 27.98 1.78
N ASN A 308 -0.75 27.23 1.18
CA ASN A 308 -1.96 27.80 0.59
C ASN A 308 -3.21 27.61 1.45
N CYS A 309 -3.18 26.71 2.43
CA CYS A 309 -4.34 26.42 3.25
C CYS A 309 -3.96 26.44 4.73
N ARG A 310 -4.93 26.83 5.55
CA ARG A 310 -4.77 26.84 7.00
C ARG A 310 -6.03 26.29 7.62
N LEU A 311 -5.88 25.21 8.39
CA LEU A 311 -6.99 24.59 9.10
C LEU A 311 -7.08 25.18 10.50
N ILE A 312 -8.29 25.63 10.87
CA ILE A 312 -8.54 26.21 12.18
C ILE A 312 -9.59 25.32 12.84
N ALA A 313 -9.14 24.43 13.71
CA ALA A 313 -10.03 23.53 14.43
C ALA A 313 -10.36 24.11 15.79
N TYR A 314 -11.63 24.05 16.18
CA TYR A 314 -12.04 24.63 17.45
C TYR A 314 -13.21 23.84 18.01
N GLN A 315 -13.39 23.97 19.33
CA GLN A 315 -14.46 23.30 20.04
C GLN A 315 -15.09 24.30 21.00
N GLU A 316 -16.39 24.52 20.86
CA GLU A 316 -17.09 25.46 21.72
C GLU A 316 -17.38 24.81 23.07
N PRO A 317 -16.97 25.43 24.19
CA PRO A 317 -17.25 24.84 25.50
C PRO A 317 -18.72 24.93 25.89
N SER A 322 -18.62 32.76 25.53
CA SER A 322 -17.27 32.95 26.04
C SER A 322 -16.23 32.58 25.00
N PHE A 323 -16.68 32.34 23.77
CA PHE A 323 -15.80 31.97 22.67
C PHE A 323 -16.01 32.94 21.51
N SER A 324 -14.92 33.41 20.92
CA SER A 324 -14.95 34.35 19.81
C SER A 324 -14.24 33.72 18.61
N LEU A 325 -15.01 33.44 17.56
CA LEU A 325 -14.43 32.85 16.36
C LEU A 325 -13.49 33.83 15.67
N SER A 326 -13.84 35.11 15.67
CA SER A 326 -13.01 36.10 15.00
C SER A 326 -11.60 36.12 15.59
N GLN A 327 -11.50 36.09 16.92
CA GLN A 327 -10.19 36.09 17.55
C GLN A 327 -9.42 34.81 17.21
N GLU A 328 -10.12 33.69 17.10
CA GLU A 328 -9.47 32.45 16.69
C GLU A 328 -8.87 32.60 15.30
N VAL A 329 -9.61 33.17 14.37
CA VAL A 329 -9.09 33.35 13.02
C VAL A 329 -7.92 34.32 13.03
N LEU A 330 -8.02 35.39 13.82
CA LEU A 330 -6.95 36.39 13.85
C LEU A 330 -5.67 35.81 14.43
N ARG A 331 -5.79 34.96 15.46
CA ARG A 331 -4.60 34.38 16.05
C ARG A 331 -3.80 33.59 15.03
N HIS A 332 -4.45 33.09 13.97
CA HIS A 332 -3.73 32.41 12.91
C HIS A 332 -3.31 33.38 11.81
N LEU A 333 -4.11 34.41 11.56
CA LEU A 333 -3.79 35.38 10.52
C LEU A 333 -2.52 36.16 10.87
N ARG A 334 -2.37 36.55 12.13
CA ARG A 334 -1.21 37.34 12.54
C ARG A 334 0.09 36.60 12.29
N GLN A 335 0.05 35.28 12.17
CA GLN A 335 1.25 34.49 11.96
C GLN A 335 1.64 34.46 10.48
N SER B 4 -32.57 -5.36 -4.73
CA SER B 4 -31.37 -5.46 -5.55
C SER B 4 -31.73 -5.40 -7.03
N SER B 5 -32.66 -4.51 -7.37
CA SER B 5 -33.10 -4.35 -8.75
C SER B 5 -32.11 -3.56 -9.59
N LEU B 6 -31.16 -2.86 -8.96
CA LEU B 6 -30.20 -2.07 -9.73
C LEU B 6 -29.34 -2.96 -10.63
N HIS B 7 -28.72 -3.99 -10.05
CA HIS B 7 -27.84 -4.86 -10.81
C HIS B 7 -27.66 -6.15 -10.04
N PRO B 8 -27.63 -7.31 -10.69
CA PRO B 8 -27.47 -8.57 -9.95
C PRO B 8 -26.18 -8.63 -9.15
N SER B 9 -25.14 -7.92 -9.58
CA SER B 9 -23.86 -7.97 -8.90
C SER B 9 -23.89 -7.30 -7.53
N ILE B 10 -24.96 -6.56 -7.22
CA ILE B 10 -25.07 -5.88 -5.93
C ILE B 10 -25.43 -6.92 -4.87
N PRO B 11 -24.62 -7.10 -3.83
CA PRO B 11 -24.95 -8.10 -2.82
C PRO B 11 -26.08 -7.65 -1.91
N CYS B 12 -26.84 -8.61 -1.43
CA CYS B 12 -27.91 -8.37 -0.49
C CYS B 12 -27.37 -8.35 0.93
N PRO B 13 -28.07 -7.70 1.86
CA PRO B 13 -27.60 -7.69 3.24
C PRO B 13 -27.58 -9.10 3.83
N ARG B 14 -26.66 -9.32 4.76
CA ARG B 14 -26.51 -10.63 5.36
C ARG B 14 -27.71 -10.95 6.25
N GLY B 15 -28.07 -12.23 6.27
CA GLY B 15 -29.21 -12.69 7.04
C GLY B 15 -28.82 -13.40 8.32
N HIS B 16 -29.40 -14.58 8.54
CA HIS B 16 -29.20 -15.33 9.78
C HIS B 16 -28.85 -16.78 9.50
N GLY B 17 -28.15 -17.04 8.40
CA GLY B 17 -27.75 -18.41 8.09
C GLY B 17 -26.77 -18.97 9.10
N ALA B 18 -25.91 -18.12 9.66
CA ALA B 18 -24.95 -18.59 10.65
C ALA B 18 -25.66 -19.14 11.88
N GLN B 19 -26.74 -18.49 12.32
CA GLN B 19 -27.47 -18.96 13.48
C GLN B 19 -28.15 -20.30 13.20
N LYS B 20 -28.68 -20.47 11.99
CA LYS B 20 -29.28 -21.76 11.63
C LYS B 20 -28.23 -22.87 11.62
N ALA B 21 -27.06 -22.59 11.04
CA ALA B 21 -25.98 -23.56 11.07
C ALA B 21 -25.57 -23.88 12.50
N ALA B 22 -25.56 -22.87 13.36
CA ALA B 22 -25.21 -23.09 14.75
C ALA B 22 -26.23 -23.98 15.45
N LEU B 23 -27.51 -23.77 15.14
CA LEU B 23 -28.55 -24.62 15.72
C LEU B 23 -28.38 -26.06 15.28
N VAL B 24 -28.11 -26.27 13.98
CA VAL B 24 -27.87 -27.61 13.48
C VAL B 24 -26.68 -28.25 14.18
N LEU B 25 -25.60 -27.48 14.32
CA LEU B 25 -24.40 -27.99 14.97
C LEU B 25 -24.68 -28.36 16.42
N LEU B 26 -25.45 -27.53 17.13
CA LEU B 26 -25.77 -27.81 18.52
C LEU B 26 -26.60 -29.09 18.64
N SER B 27 -27.59 -29.25 17.78
CA SER B 27 -28.38 -30.47 17.80
C SER B 27 -27.52 -31.69 17.53
N ALA B 28 -26.62 -31.59 16.54
CA ALA B 28 -25.74 -32.72 16.22
C ALA B 28 -24.84 -33.06 17.40
N CYS B 29 -24.29 -32.03 18.05
CA CYS B 29 -23.40 -32.28 19.18
C CYS B 29 -24.15 -32.92 20.34
N LEU B 30 -25.39 -32.47 20.61
CA LEU B 30 -26.18 -33.11 21.65
C LEU B 30 -26.45 -34.57 21.33
N VAL B 31 -26.79 -34.85 20.07
CA VAL B 31 -27.03 -36.24 19.66
C VAL B 31 -25.77 -37.06 19.86
N THR B 32 -24.61 -36.50 19.49
CA THR B 32 -23.36 -37.22 19.64
C THR B 32 -23.07 -37.52 21.11
N LEU B 33 -23.26 -36.53 21.98
CA LEU B 33 -23.03 -36.74 23.41
C LEU B 33 -23.98 -37.79 23.96
N TRP B 34 -25.23 -37.77 23.51
CA TRP B 34 -26.17 -38.82 23.92
C TRP B 34 -25.70 -40.19 23.47
N GLY B 35 -25.22 -40.29 22.23
CA GLY B 35 -24.74 -41.57 21.73
C GLY B 35 -23.55 -42.09 22.50
N LEU B 36 -22.60 -41.22 22.82
CA LEU B 36 -21.44 -41.63 23.59
C LEU B 36 -21.81 -42.19 24.96
N GLY B 37 -22.97 -41.83 25.48
CA GLY B 37 -23.41 -42.34 26.75
C GLY B 37 -22.77 -41.69 27.96
N GLU B 38 -22.05 -40.60 27.77
CA GLU B 38 -21.43 -39.93 28.90
C GLU B 38 -22.49 -39.30 29.80
N PRO B 39 -22.22 -39.17 31.09
CA PRO B 39 -23.20 -38.58 32.00
C PRO B 39 -23.35 -37.09 31.75
N PRO B 40 -24.58 -36.57 31.70
CA PRO B 40 -24.75 -35.13 31.41
C PRO B 40 -24.09 -34.21 32.43
N GLU B 41 -23.95 -34.64 33.68
CA GLU B 41 -23.36 -33.76 34.68
C GLU B 41 -21.92 -33.42 34.35
N HIS B 42 -21.15 -34.41 33.89
CA HIS B 42 -19.78 -34.14 33.46
C HIS B 42 -19.77 -33.17 32.30
N THR B 43 -20.65 -33.37 31.33
CA THR B 43 -20.76 -32.47 30.20
C THR B 43 -21.00 -31.03 30.66
N LEU B 44 -21.95 -30.86 31.57
CA LEU B 44 -22.26 -29.53 32.09
C LEU B 44 -21.06 -28.92 32.79
N ARG B 45 -20.38 -29.70 33.63
CA ARG B 45 -19.22 -29.19 34.35
C ARG B 45 -18.16 -28.70 33.36
N TYR B 46 -17.84 -29.51 32.37
CA TYR B 46 -16.76 -29.14 31.45
C TYR B 46 -17.16 -27.96 30.57
N LEU B 47 -18.44 -27.89 30.18
CA LEU B 47 -18.90 -26.74 29.42
C LEU B 47 -18.78 -25.46 30.22
N VAL B 48 -19.18 -25.49 31.48
CA VAL B 48 -19.07 -24.31 32.34
C VAL B 48 -17.61 -23.92 32.50
N LEU B 49 -16.72 -24.90 32.66
CA LEU B 49 -15.30 -24.58 32.78
C LEU B 49 -14.77 -23.92 31.52
N HIS B 50 -15.19 -24.41 30.35
CA HIS B 50 -14.75 -23.80 29.11
C HIS B 50 -15.22 -22.36 28.99
N LEU B 51 -16.48 -22.10 29.33
CA LEU B 51 -16.99 -20.73 29.29
C LEU B 51 -16.23 -19.84 30.26
N ALA B 52 -15.90 -20.38 31.45
CA ALA B 52 -15.11 -19.61 32.41
C ALA B 52 -13.74 -19.26 31.85
N SER B 53 -13.10 -20.21 31.17
CA SER B 53 -11.81 -19.94 30.55
C SER B 53 -11.93 -18.83 29.52
N LEU B 54 -13.01 -18.86 28.72
CA LEU B 54 -13.22 -17.79 27.76
C LEU B 54 -13.36 -16.43 28.45
N GLN B 55 -14.10 -16.39 29.56
CA GLN B 55 -14.25 -15.14 30.29
C GLN B 55 -12.91 -14.63 30.81
N LEU B 56 -12.09 -15.53 31.35
CA LEU B 56 -10.78 -15.12 31.84
C LEU B 56 -9.91 -14.59 30.72
N GLY B 57 -9.95 -15.24 29.56
CA GLY B 57 -9.22 -14.73 28.42
C GLY B 57 -9.67 -13.35 28.00
N LEU B 58 -10.99 -13.13 27.98
CA LEU B 58 -11.51 -11.80 27.68
C LEU B 58 -10.98 -10.77 28.67
N LEU B 59 -10.97 -11.12 29.96
CA LEU B 59 -10.48 -10.19 30.98
C LEU B 59 -9.02 -9.83 30.72
N LEU B 60 -8.18 -10.83 30.43
CA LEU B 60 -6.76 -10.56 30.23
C LEU B 60 -6.53 -9.71 28.99
N ASN B 61 -7.22 -10.03 27.89
CA ASN B 61 -7.08 -9.22 26.69
C ASN B 61 -7.55 -7.79 26.93
N GLY B 62 -8.63 -7.64 27.70
CA GLY B 62 -9.12 -6.30 28.00
C GLY B 62 -8.13 -5.51 28.83
N VAL B 63 -7.45 -6.15 29.77
CA VAL B 63 -6.40 -5.48 30.53
C VAL B 63 -5.28 -5.03 29.59
N CYS B 64 -4.87 -5.91 28.69
CA CYS B 64 -3.81 -5.55 27.75
C CYS B 64 -4.22 -4.36 26.89
N SER B 65 -5.46 -4.32 26.44
CA SER B 65 -5.94 -3.19 25.65
C SER B 65 -6.09 -1.93 26.49
N LEU B 66 -6.45 -2.08 27.76
CA LEU B 66 -6.53 -0.93 28.65
C LEU B 66 -5.17 -0.28 28.81
N ALA B 67 -4.12 -1.09 28.83
CA ALA B 67 -2.77 -0.53 28.93
C ALA B 67 -2.51 0.50 27.85
N GLU B 68 -3.16 0.36 26.69
CA GLU B 68 -3.03 1.33 25.61
C GLU B 68 -4.08 2.44 25.71
N GLU B 69 -5.33 2.08 25.96
CA GLU B 69 -6.40 3.06 25.97
C GLU B 69 -6.24 4.10 27.07
N LEU B 70 -5.54 3.76 28.16
CA LEU B 70 -5.31 4.76 29.19
C LEU B 70 -4.51 5.95 28.67
N ARG B 71 -3.80 5.78 27.55
CA ARG B 71 -3.08 6.90 26.97
C ARG B 71 -4.04 7.88 26.30
N HIS B 72 -5.00 7.36 25.56
CA HIS B 72 -6.01 8.18 24.87
C HIS B 72 -7.20 8.48 25.76
N ILE B 73 -7.12 8.15 27.05
CA ILE B 73 -8.20 8.48 27.99
C ILE B 73 -8.71 9.89 27.77
N HIS B 74 -7.82 10.89 27.82
CA HIS B 74 -8.28 12.28 27.78
C HIS B 74 -8.87 12.64 26.42
N SER B 75 -8.27 12.16 25.34
CA SER B 75 -8.64 12.59 24.00
C SER B 75 -9.79 11.79 23.39
N ARG B 76 -10.17 10.66 23.99
CA ARG B 76 -11.19 9.81 23.39
C ARG B 76 -12.19 9.26 24.39
N TYR B 77 -12.06 9.54 25.69
CA TYR B 77 -12.98 9.03 26.68
C TYR B 77 -13.35 10.06 27.73
N ARG B 78 -13.04 11.34 27.51
CA ARG B 78 -13.49 12.43 28.37
C ARG B 78 -12.96 12.30 29.80
N GLY B 79 -11.73 11.81 29.94
CA GLY B 79 -11.07 11.80 31.23
C GLY B 79 -11.73 10.95 32.28
N SER B 80 -12.53 9.97 31.88
CA SER B 80 -13.19 9.05 32.80
C SER B 80 -12.60 7.66 32.62
N TYR B 81 -12.03 7.11 33.70
CA TYR B 81 -11.49 5.77 33.64
C TYR B 81 -12.58 4.73 33.42
N TRP B 82 -13.79 5.00 33.91
CA TRP B 82 -14.87 4.04 33.77
C TRP B 82 -15.25 3.84 32.32
N ARG B 83 -15.21 4.91 31.51
CA ARG B 83 -15.49 4.77 30.09
C ARG B 83 -14.43 3.93 29.40
N THR B 84 -13.16 4.12 29.77
CA THR B 84 -12.10 3.31 29.19
C THR B 84 -12.29 1.84 29.55
N VAL B 85 -12.65 1.57 30.80
CA VAL B 85 -12.89 0.19 31.22
C VAL B 85 -14.06 -0.41 30.46
N ARG B 86 -15.14 0.36 30.31
CA ARG B 86 -16.30 -0.14 29.59
C ARG B 86 -15.98 -0.37 28.11
N ALA B 87 -15.06 0.40 27.55
CA ALA B 87 -14.67 0.20 26.16
C ALA B 87 -13.75 -1.00 25.99
N CYS B 88 -12.90 -1.28 26.99
CA CYS B 88 -11.99 -2.40 26.91
C CYS B 88 -12.58 -3.72 27.37
N LEU B 89 -13.71 -3.69 28.09
CA LEU B 89 -14.28 -4.90 28.67
C LEU B 89 -15.78 -5.03 28.50
N GLY B 90 -16.49 -3.98 28.12
CA GLY B 90 -17.94 -4.04 28.13
C GLY B 90 -18.50 -3.63 29.48
N CYS B 91 -19.78 -3.96 29.69
CA CYS B 91 -20.45 -3.60 30.93
C CYS B 91 -19.69 -4.20 32.11
N PRO B 92 -19.05 -3.36 32.94
CA PRO B 92 -18.26 -3.93 34.05
C PRO B 92 -19.08 -4.79 34.99
N LEU B 93 -20.36 -4.49 35.19
CA LEU B 93 -21.18 -5.27 36.11
C LEU B 93 -21.33 -6.71 35.62
N ARG B 94 -21.73 -6.87 34.36
CA ARG B 94 -21.87 -8.21 33.80
C ARG B 94 -20.56 -8.97 33.81
N ARG B 95 -19.47 -8.29 33.45
CA ARG B 95 -18.17 -8.96 33.43
C ARG B 95 -17.76 -9.40 34.83
N GLY B 96 -17.98 -8.55 35.83
CA GLY B 96 -17.64 -8.92 37.19
C GLY B 96 -18.48 -10.09 37.70
N ALA B 97 -19.77 -10.07 37.38
CA ALA B 97 -20.63 -11.19 37.79
C ALA B 97 -20.15 -12.49 37.16
N LEU B 98 -19.83 -12.45 35.86
CA LEU B 98 -19.37 -13.65 35.19
C LEU B 98 -18.04 -14.13 35.74
N LEU B 99 -17.14 -13.21 36.08
CA LEU B 99 -15.87 -13.60 36.66
C LEU B 99 -16.06 -14.24 38.04
N LEU B 100 -16.94 -13.66 38.86
CA LEU B 100 -17.22 -14.26 40.16
C LEU B 100 -17.78 -15.67 40.01
N LEU B 101 -18.73 -15.84 39.10
CA LEU B 101 -19.29 -17.17 38.86
C LEU B 101 -18.22 -18.13 38.39
N SER B 102 -17.34 -17.67 37.49
CA SER B 102 -16.27 -18.52 36.98
C SER B 102 -15.36 -18.98 38.12
N ILE B 103 -14.96 -18.04 38.97
CA ILE B 103 -14.09 -18.39 40.09
C ILE B 103 -14.78 -19.39 41.01
N TYR B 104 -16.04 -19.13 41.33
CA TYR B 104 -16.76 -20.01 42.24
C TYR B 104 -16.85 -21.42 41.69
N PHE B 105 -17.25 -21.55 40.43
CA PHE B 105 -17.46 -22.87 39.85
C PHE B 105 -16.17 -23.53 39.39
N TYR B 106 -15.05 -22.81 39.37
CA TYR B 106 -13.76 -23.44 39.14
C TYR B 106 -13.16 -23.98 40.43
N TYR B 107 -13.21 -23.18 41.51
CA TYR B 107 -12.70 -23.65 42.79
C TYR B 107 -13.58 -24.69 43.44
N SER B 108 -14.90 -24.65 43.21
CA SER B 108 -15.81 -25.58 43.83
C SER B 108 -15.94 -26.90 43.06
N LEU B 109 -15.36 -27.00 41.88
CA LEU B 109 -15.50 -28.20 41.09
C LEU B 109 -14.15 -28.89 40.91
N PRO B 110 -14.13 -30.22 40.76
CA PRO B 110 -12.89 -30.97 40.56
C PRO B 110 -12.31 -30.79 39.16
N PRO B 116 -6.18 -27.19 40.25
CA PRO B 116 -5.89 -25.87 40.80
C PRO B 116 -6.44 -24.74 39.94
N PHE B 117 -6.29 -23.49 40.40
CA PHE B 117 -6.83 -22.34 39.71
C PHE B 117 -5.76 -21.38 39.22
N THR B 118 -4.79 -21.04 40.07
CA THR B 118 -3.76 -20.10 39.66
C THR B 118 -2.93 -20.67 38.50
N TRP B 119 -2.74 -21.99 38.49
CA TRP B 119 -1.96 -22.61 37.42
C TRP B 119 -2.66 -22.43 36.07
N MET B 120 -3.96 -22.70 36.02
CA MET B 120 -4.69 -22.54 34.78
C MET B 120 -4.83 -21.06 34.40
N LEU B 121 -4.93 -20.19 35.40
CA LEU B 121 -4.91 -18.76 35.12
C LEU B 121 -3.61 -18.36 34.44
N ALA B 122 -2.49 -18.88 34.93
CA ALA B 122 -1.20 -18.58 34.31
C ALA B 122 -1.14 -19.14 32.90
N LEU B 123 -1.64 -20.35 32.68
CA LEU B 123 -1.65 -20.92 31.34
C LEU B 123 -2.48 -20.05 30.39
N LEU B 124 -3.65 -19.62 30.83
CA LEU B 124 -4.50 -18.80 29.97
C LEU B 124 -3.85 -17.45 29.68
N GLY B 125 -3.21 -16.85 30.68
CA GLY B 125 -2.48 -15.62 30.45
C GLY B 125 -1.35 -15.81 29.44
N LEU B 126 -0.63 -16.92 29.56
CA LEU B 126 0.42 -17.24 28.60
C LEU B 126 -0.15 -17.33 27.19
N SER B 127 -1.27 -18.05 27.03
CA SER B 127 -1.87 -18.21 25.72
C SER B 127 -2.33 -16.87 25.15
N GLN B 128 -2.95 -16.03 25.98
CA GLN B 128 -3.44 -14.75 25.51
C GLN B 128 -2.29 -13.84 25.12
N ALA B 129 -1.24 -13.79 25.93
CA ALA B 129 -0.08 -12.98 25.58
C ALA B 129 0.56 -13.47 24.29
N LEU B 130 0.62 -14.79 24.11
CA LEU B 130 1.17 -15.33 22.88
C LEU B 130 0.34 -14.92 21.67
N ASN B 131 -0.99 -14.99 21.79
CA ASN B 131 -1.85 -14.59 20.68
C ASN B 131 -1.68 -13.11 20.38
N ILE B 132 -1.54 -12.27 21.40
CA ILE B 132 -1.40 -10.84 21.19
C ILE B 132 -0.06 -10.53 20.52
N LEU B 133 1.02 -11.10 21.02
CA LEU B 133 2.34 -10.78 20.52
C LEU B 133 2.54 -11.25 19.08
N LEU B 134 2.01 -12.43 18.76
CA LEU B 134 2.16 -13.00 17.43
C LEU B 134 1.13 -12.50 16.44
N GLY B 135 0.23 -11.61 16.84
CA GLY B 135 -0.76 -11.07 15.94
C GLY B 135 -1.77 -12.08 15.44
N LEU B 136 -2.29 -12.91 16.33
CA LEU B 136 -3.25 -13.94 15.98
C LEU B 136 -4.69 -13.53 16.24
N LYS B 137 -4.92 -12.29 16.68
CA LYS B 137 -6.27 -11.82 16.96
C LYS B 137 -6.99 -11.32 15.72
N GLY B 138 -6.33 -11.28 14.57
CA GLY B 138 -6.96 -10.80 13.36
C GLY B 138 -8.22 -11.57 13.00
N LEU B 139 -9.30 -10.84 12.76
CA LEU B 139 -10.55 -11.46 12.35
C LEU B 139 -10.50 -11.85 10.88
N ALA B 140 -11.37 -12.79 10.51
CA ALA B 140 -11.50 -13.16 9.12
C ALA B 140 -12.19 -12.05 8.33
N PRO B 141 -11.92 -11.95 7.04
CA PRO B 141 -12.52 -10.84 6.26
C PRO B 141 -14.03 -10.79 6.34
N ALA B 142 -14.70 -11.95 6.35
CA ALA B 142 -16.15 -11.95 6.36
C ALA B 142 -16.70 -11.39 7.67
N GLU B 143 -16.07 -11.72 8.79
CA GLU B 143 -16.51 -11.17 10.07
C GLU B 143 -16.34 -9.66 10.09
N ILE B 144 -15.21 -9.16 9.58
CA ILE B 144 -14.99 -7.73 9.53
C ILE B 144 -16.03 -7.06 8.66
N SER B 145 -16.33 -7.65 7.50
CA SER B 145 -17.33 -7.06 6.62
C SER B 145 -18.69 -7.03 7.29
N ALA B 146 -19.07 -8.11 7.97
CA ALA B 146 -20.35 -8.13 8.68
C ALA B 146 -20.40 -7.07 9.76
N VAL B 147 -19.32 -6.93 10.52
CA VAL B 147 -19.28 -5.92 11.58
C VAL B 147 -19.43 -4.53 10.99
N CYS B 148 -18.71 -4.25 9.90
CA CYS B 148 -18.75 -2.93 9.31
C CYS B 148 -20.12 -2.62 8.73
N GLU B 149 -20.73 -3.59 8.03
CA GLU B 149 -22.05 -3.35 7.47
C GLU B 149 -23.10 -3.16 8.55
N LYS B 150 -23.04 -3.97 9.61
CA LYS B 150 -24.01 -3.83 10.69
C LYS B 150 -23.83 -2.49 11.40
N GLY B 151 -22.60 -2.11 11.70
CA GLY B 151 -22.31 -0.86 12.36
C GLY B 151 -22.10 0.31 11.44
N ASN B 152 -22.17 0.10 10.13
CA ASN B 152 -22.00 1.17 9.14
C ASN B 152 -20.64 1.85 9.30
N PHE B 153 -19.59 1.03 9.20
CA PHE B 153 -18.20 1.49 9.28
C PHE B 153 -17.54 1.50 7.91
N ASN B 154 -18.28 1.87 6.87
CA ASN B 154 -17.77 1.90 5.51
C ASN B 154 -17.74 3.33 5.00
N VAL B 155 -16.82 3.60 4.06
CA VAL B 155 -16.73 4.92 3.47
C VAL B 155 -17.92 5.17 2.55
N ALA B 156 -18.45 4.11 1.93
CA ALA B 156 -19.56 4.27 1.02
C ALA B 156 -20.78 4.85 1.72
N HIS B 157 -20.99 4.48 2.98
CA HIS B 157 -22.10 5.03 3.75
C HIS B 157 -22.02 6.55 3.78
N GLY B 158 -20.86 7.07 4.20
CA GLY B 158 -20.70 8.51 4.28
C GLY B 158 -20.76 9.18 2.93
N LEU B 159 -20.18 8.55 1.90
CA LEU B 159 -20.21 9.14 0.58
C LEU B 159 -21.64 9.27 0.08
N ALA B 160 -22.44 8.21 0.24
CA ALA B 160 -23.82 8.25 -0.21
C ALA B 160 -24.63 9.27 0.55
N TRP B 161 -24.45 9.33 1.87
CA TRP B 161 -25.22 10.30 2.65
C TRP B 161 -24.81 11.73 2.32
N SER B 162 -23.52 11.96 2.06
CA SER B 162 -23.08 13.29 1.63
C SER B 162 -23.66 13.63 0.27
N TYR B 163 -23.71 12.67 -0.64
CA TYR B 163 -24.28 12.92 -1.96
C TYR B 163 -25.76 13.28 -1.84
N TYR B 164 -26.49 12.60 -0.97
CA TYR B 164 -27.90 12.90 -0.79
C TYR B 164 -28.12 14.23 -0.11
N ILE B 165 -27.32 14.55 0.90
CA ILE B 165 -27.58 15.71 1.74
C ILE B 165 -27.06 17.00 1.10
N GLY B 166 -25.97 16.91 0.35
CA GLY B 166 -25.36 18.10 -0.22
C GLY B 166 -25.85 18.44 -1.60
N TYR B 167 -26.25 17.44 -2.38
CA TYR B 167 -26.61 17.65 -3.78
C TYR B 167 -28.08 17.34 -4.06
N LEU B 168 -28.53 16.11 -3.81
CA LEU B 168 -29.86 15.71 -4.27
C LEU B 168 -30.95 16.39 -3.46
N ARG B 169 -30.78 16.44 -2.13
CA ARG B 169 -31.79 17.04 -1.27
C ARG B 169 -32.02 18.51 -1.59
N LEU B 170 -31.07 19.15 -2.29
CA LEU B 170 -31.17 20.55 -2.66
C LEU B 170 -31.50 20.75 -4.13
N ILE B 171 -31.45 19.70 -4.94
CA ILE B 171 -31.60 19.79 -6.38
C ILE B 171 -32.92 19.21 -6.87
N LEU B 172 -33.30 18.05 -6.34
CA LEU B 172 -34.50 17.39 -6.84
C LEU B 172 -35.76 18.23 -6.65
N PRO B 173 -35.98 18.87 -5.51
CA PRO B 173 -37.23 19.65 -5.34
C PRO B 173 -37.42 20.72 -6.39
N GLU B 174 -36.35 21.40 -6.80
CA GLU B 174 -36.41 22.52 -7.73
C GLU B 174 -36.10 22.12 -9.16
N LEU B 175 -36.01 20.83 -9.45
CA LEU B 175 -35.59 20.39 -10.78
C LEU B 175 -36.67 20.64 -11.82
N GLN B 176 -37.93 20.31 -11.49
CA GLN B 176 -39.00 20.44 -12.47
C GLN B 176 -39.21 21.89 -12.87
N ALA B 177 -39.06 22.82 -11.91
CA ALA B 177 -39.18 24.23 -12.24
C ALA B 177 -38.15 24.64 -13.28
N ARG B 178 -36.89 24.28 -13.06
CA ARG B 178 -35.83 24.61 -14.01
C ARG B 178 -36.10 23.97 -15.37
N ILE B 179 -36.57 22.72 -15.37
CA ILE B 179 -36.79 22.01 -16.62
C ILE B 179 -37.90 22.69 -17.42
N ARG B 180 -39.02 23.01 -16.75
CA ARG B 180 -40.12 23.66 -17.46
C ARG B 180 -39.72 25.05 -17.93
N THR B 181 -38.92 25.77 -17.13
CA THR B 181 -38.43 27.08 -17.56
C THR B 181 -37.59 26.95 -18.81
N TYR B 182 -36.71 25.96 -18.86
CA TYR B 182 -35.90 25.75 -20.06
C TYR B 182 -36.78 25.40 -21.26
N ASN B 183 -37.81 24.56 -21.03
CA ASN B 183 -38.70 24.18 -22.12
C ASN B 183 -39.42 25.39 -22.68
N GLN B 184 -39.99 26.22 -21.81
CA GLN B 184 -40.66 27.43 -22.28
C GLN B 184 -39.71 28.36 -23.00
N HIS B 185 -38.51 28.56 -22.45
CA HIS B 185 -37.52 29.42 -23.08
C HIS B 185 -36.89 28.78 -24.32
N TYR B 186 -37.18 27.52 -24.59
CA TYR B 186 -36.60 26.83 -25.74
C TYR B 186 -37.30 25.50 -25.97
N GLY B 192 -36.74 22.28 -26.85
CA GLY B 192 -36.34 20.96 -26.40
C GLY B 192 -37.34 20.33 -25.45
N ALA B 193 -37.66 19.07 -25.70
CA ALA B 193 -38.59 18.30 -24.88
C ALA B 193 -37.76 17.30 -24.06
N VAL B 194 -37.29 17.76 -22.91
CA VAL B 194 -36.47 16.94 -22.02
C VAL B 194 -37.35 16.33 -20.95
N SER B 195 -37.04 15.09 -20.58
CA SER B 195 -37.84 14.42 -19.56
C SER B 195 -37.71 15.14 -18.22
N GLN B 196 -38.70 14.91 -17.35
CA GLN B 196 -38.80 15.60 -16.07
C GLN B 196 -38.06 14.88 -14.96
N ARG B 197 -37.01 14.14 -15.28
CA ARG B 197 -36.33 13.28 -14.32
C ARG B 197 -34.83 13.44 -14.46
N LEU B 198 -34.13 13.32 -13.34
CA LEU B 198 -32.67 13.38 -13.31
C LEU B 198 -32.10 11.97 -13.42
N TYR B 199 -31.10 11.80 -14.27
CA TYR B 199 -30.51 10.50 -14.54
C TYR B 199 -29.07 10.47 -14.06
N ILE B 200 -28.77 9.48 -13.22
CA ILE B 200 -27.49 9.36 -12.54
C ILE B 200 -26.87 8.02 -12.94
N LEU B 201 -25.63 8.08 -13.42
CA LEU B 201 -24.92 6.89 -13.85
C LEU B 201 -24.05 6.37 -12.72
N LEU B 202 -24.06 5.05 -12.54
CA LEU B 202 -23.36 4.38 -11.44
C LEU B 202 -22.46 3.30 -12.02
N PRO B 203 -21.32 3.68 -12.60
CA PRO B 203 -20.36 2.69 -13.07
C PRO B 203 -19.68 1.99 -11.91
N LEU B 204 -19.78 0.67 -11.87
CA LEU B 204 -19.19 -0.10 -10.78
C LEU B 204 -17.68 -0.20 -10.91
N ASP B 205 -17.13 0.07 -12.09
CA ASP B 205 -15.69 0.12 -12.28
C ASP B 205 -15.10 1.47 -11.89
N CYS B 206 -15.93 2.44 -11.54
CA CYS B 206 -15.47 3.75 -11.06
C CYS B 206 -14.69 4.50 -12.15
N GLY B 207 -15.09 4.34 -13.40
CA GLY B 207 -14.45 5.07 -14.48
C GLY B 207 -14.64 6.57 -14.36
N VAL B 208 -15.86 7.03 -14.60
CA VAL B 208 -16.25 8.42 -14.39
C VAL B 208 -15.33 9.34 -15.22
N PRO B 209 -15.48 9.36 -16.54
CA PRO B 209 -14.77 10.37 -17.33
C PRO B 209 -15.40 11.73 -17.18
N ASP B 210 -14.60 12.77 -17.48
CA ASP B 210 -15.10 14.13 -17.37
C ASP B 210 -16.03 14.49 -18.52
N ASN B 211 -15.83 13.90 -19.69
CA ASN B 211 -16.65 14.15 -20.86
C ASN B 211 -17.43 12.89 -21.20
N LEU B 212 -18.76 13.01 -21.29
CA LEU B 212 -19.59 11.86 -21.61
C LEU B 212 -19.43 11.44 -23.06
N SER B 213 -19.36 12.42 -23.97
CA SER B 213 -19.19 12.09 -25.38
C SER B 213 -17.95 11.24 -25.61
N MET B 214 -16.92 11.43 -24.79
CA MET B 214 -15.73 10.59 -24.90
C MET B 214 -16.07 9.14 -24.61
N ALA B 215 -16.88 8.89 -23.58
CA ALA B 215 -17.26 7.52 -23.25
C ALA B 215 -18.09 6.89 -24.37
N ASP B 216 -19.00 7.66 -24.96
CA ASP B 216 -19.86 7.18 -26.02
C ASP B 216 -20.10 8.35 -26.98
N PRO B 217 -19.80 8.19 -28.28
CA PRO B 217 -20.03 9.30 -29.21
C PRO B 217 -21.49 9.68 -29.33
N ASN B 218 -22.41 8.74 -29.12
CA ASN B 218 -23.84 9.03 -29.24
C ASN B 218 -24.34 9.98 -28.16
N ILE B 219 -23.54 10.26 -27.14
CA ILE B 219 -23.90 11.19 -26.08
C ILE B 219 -23.28 12.54 -26.43
N ARG B 220 -24.12 13.55 -26.61
CA ARG B 220 -23.66 14.86 -27.03
C ARG B 220 -24.36 15.95 -26.23
N PHE B 221 -23.64 17.03 -25.97
CA PHE B 221 -24.17 18.13 -25.19
C PHE B 221 -25.11 19.00 -26.03
N LEU B 222 -26.14 19.52 -25.38
CA LEU B 222 -27.07 20.45 -26.02
C LEU B 222 -27.04 21.83 -25.38
N ASP B 223 -27.27 21.92 -24.07
CA ASP B 223 -27.37 23.19 -23.38
C ASP B 223 -27.41 22.92 -21.89
N LYS B 224 -27.22 23.97 -21.10
CA LYS B 224 -27.24 23.88 -19.66
C LYS B 224 -28.58 24.36 -19.12
N LEU B 225 -29.10 23.66 -18.12
CA LEU B 225 -30.30 24.11 -17.42
C LEU B 225 -30.02 25.43 -16.74
N PRO B 226 -31.06 26.16 -16.33
CA PRO B 226 -30.83 27.37 -15.52
C PRO B 226 -30.10 27.02 -14.24
N GLN B 227 -29.16 27.86 -13.86
CA GLN B 227 -28.37 27.63 -12.67
C GLN B 227 -29.23 27.77 -11.42
N GLN B 228 -28.93 26.94 -10.42
CA GLN B 228 -29.52 27.06 -9.10
C GLN B 228 -28.50 27.66 -8.16
N THR B 229 -28.97 28.47 -7.21
CA THR B 229 -28.09 29.22 -6.34
C THR B 229 -28.52 29.09 -4.90
N GLY B 230 -27.55 29.09 -4.00
CA GLY B 230 -27.82 29.03 -2.58
C GLY B 230 -26.59 29.25 -1.74
N ASP B 231 -26.78 29.70 -0.50
CA ASP B 231 -25.67 29.90 0.42
C ASP B 231 -25.39 28.60 1.18
N ARG B 232 -24.10 28.28 1.30
CA ARG B 232 -23.69 27.01 1.90
C ARG B 232 -22.36 27.19 2.60
N ALA B 233 -22.34 26.90 3.89
CA ALA B 233 -21.08 26.81 4.66
C ALA B 233 -20.25 28.07 4.50
N GLY B 234 -20.91 29.22 4.56
CA GLY B 234 -20.27 30.50 4.43
C GLY B 234 -20.12 30.98 3.00
N ILE B 235 -19.94 30.06 2.05
CA ILE B 235 -19.88 30.40 0.64
C ILE B 235 -21.28 30.75 0.18
N LYS B 236 -21.52 32.03 -0.09
CA LYS B 236 -22.81 32.47 -0.57
C LYS B 236 -22.84 32.52 -2.08
N ASP B 237 -24.04 32.42 -2.64
CA ASP B 237 -24.23 32.37 -4.08
C ASP B 237 -23.49 31.18 -4.68
N ARG B 238 -23.37 30.10 -3.90
CA ARG B 238 -22.86 28.86 -4.45
C ARG B 238 -23.84 28.31 -5.47
N VAL B 239 -23.30 27.82 -6.59
CA VAL B 239 -24.10 27.54 -7.78
C VAL B 239 -24.04 26.05 -8.08
N TYR B 240 -25.21 25.46 -8.29
CA TYR B 240 -25.35 24.10 -8.78
C TYR B 240 -25.87 24.16 -10.20
N SER B 241 -25.18 23.49 -11.12
CA SER B 241 -25.53 23.50 -12.53
C SER B 241 -25.65 22.08 -13.04
N ASN B 242 -26.61 21.86 -13.92
CA ASN B 242 -26.83 20.58 -14.57
C ASN B 242 -26.80 20.77 -16.09
N SER B 243 -26.51 19.70 -16.80
CA SER B 243 -26.31 19.74 -18.24
C SER B 243 -27.29 18.80 -18.92
N ILE B 244 -27.88 19.27 -20.02
CA ILE B 244 -28.74 18.42 -20.84
C ILE B 244 -27.87 17.69 -21.85
N TYR B 245 -28.31 16.49 -22.23
CA TYR B 245 -27.56 15.65 -23.15
C TYR B 245 -28.53 14.99 -24.12
N GLU B 246 -28.03 14.75 -25.33
CA GLU B 246 -28.79 14.16 -26.42
C GLU B 246 -28.35 12.72 -26.64
N LEU B 247 -29.31 11.81 -26.65
CA LEU B 247 -29.06 10.39 -26.87
C LEU B 247 -29.45 10.08 -28.31
N LEU B 248 -28.48 9.61 -29.10
CA LEU B 248 -28.68 9.33 -30.51
C LEU B 248 -28.82 7.83 -30.75
N GLU B 249 -29.47 7.50 -31.86
CA GLU B 249 -29.64 6.10 -32.27
C GLU B 249 -29.69 6.09 -33.79
N ASN B 250 -28.67 5.50 -34.41
CA ASN B 250 -28.56 5.46 -35.87
C ASN B 250 -28.45 6.86 -36.46
N GLY B 251 -27.68 7.72 -35.78
CA GLY B 251 -27.47 9.07 -36.25
C GLY B 251 -28.66 9.99 -36.10
N GLN B 252 -29.67 9.59 -35.34
CA GLN B 252 -30.88 10.38 -35.16
C GLN B 252 -31.13 10.61 -33.67
N ARG B 253 -31.76 11.74 -33.37
CA ARG B 253 -32.06 12.12 -32.00
C ARG B 253 -33.09 11.15 -31.44
N ALA B 254 -32.65 10.24 -30.57
CA ALA B 254 -33.54 9.30 -29.92
C ALA B 254 -34.15 9.87 -28.64
N GLY B 255 -33.41 10.71 -27.93
CA GLY B 255 -33.97 11.31 -26.73
C GLY B 255 -33.11 12.44 -26.22
N THR B 256 -33.61 13.10 -25.18
CA THR B 256 -32.88 14.15 -24.48
C THR B 256 -33.14 14.00 -22.98
N CYS B 257 -32.10 14.18 -22.18
CA CYS B 257 -32.27 13.97 -20.75
C CYS B 257 -31.20 14.74 -19.98
N VAL B 258 -31.50 14.97 -18.70
CA VAL B 258 -30.53 15.50 -17.76
C VAL B 258 -29.74 14.31 -17.22
N LEU B 259 -28.45 14.26 -17.54
CA LEU B 259 -27.63 13.09 -17.29
C LEU B 259 -26.35 13.50 -16.59
N GLU B 260 -25.92 12.70 -15.62
CA GLU B 260 -24.66 12.99 -14.95
C GLU B 260 -24.14 11.73 -14.27
N TYR B 261 -22.82 11.70 -14.09
CA TYR B 261 -22.19 10.65 -13.31
C TYR B 261 -22.29 10.96 -11.82
N ALA B 262 -22.17 9.91 -11.00
CA ALA B 262 -22.11 10.06 -9.55
C ALA B 262 -20.68 10.42 -9.18
N THR B 263 -20.47 11.67 -8.77
CA THR B 263 -19.11 12.14 -8.51
C THR B 263 -18.37 11.32 -7.47
N PRO B 264 -19.00 10.88 -6.36
CA PRO B 264 -18.22 10.17 -5.33
C PRO B 264 -17.45 8.98 -5.86
N LEU B 265 -17.97 8.28 -6.87
CA LEU B 265 -17.24 7.15 -7.43
C LEU B 265 -15.84 7.57 -7.86
N GLN B 266 -15.74 8.71 -8.55
CA GLN B 266 -14.45 9.28 -8.88
C GLN B 266 -13.52 9.23 -7.67
N THR B 267 -13.96 9.79 -6.55
CA THR B 267 -13.15 9.79 -5.34
C THR B 267 -12.65 8.38 -5.02
N LEU B 268 -13.55 7.40 -5.02
CA LEU B 268 -13.13 6.03 -4.74
C LEU B 268 -11.97 5.64 -5.64
N PHE B 269 -12.12 5.86 -6.95
CA PHE B 269 -11.04 5.54 -7.87
C PHE B 269 -9.75 6.22 -7.44
N ALA B 270 -9.83 7.52 -7.17
CA ALA B 270 -8.64 8.24 -6.74
C ALA B 270 -8.07 7.68 -5.45
N MET B 271 -8.95 7.21 -4.56
CA MET B 271 -8.47 6.62 -3.31
C MET B 271 -7.77 5.29 -3.56
N SER B 272 -8.10 4.60 -4.64
CA SER B 272 -7.45 3.33 -4.97
C SER B 272 -6.10 3.53 -5.63
N GLN B 273 -5.74 4.76 -5.99
CA GLN B 273 -4.44 5.05 -6.59
C GLN B 273 -3.44 5.57 -5.59
N TYR B 274 -3.83 6.52 -4.74
CA TYR B 274 -2.95 7.06 -3.71
C TYR B 274 -2.65 5.99 -2.68
N SER B 275 -1.38 5.86 -2.31
CA SER B 275 -0.98 4.87 -1.32
C SER B 275 -1.28 5.33 0.09
N GLN B 276 -1.36 6.63 0.32
CA GLN B 276 -1.63 7.17 1.64
C GLN B 276 -3.03 6.85 2.14
N ALA B 277 -3.91 6.37 1.26
CA ALA B 277 -5.29 6.09 1.64
C ALA B 277 -5.51 4.67 2.12
N GLY B 278 -4.60 3.75 1.80
CA GLY B 278 -4.79 2.37 2.21
C GLY B 278 -6.05 1.77 1.65
N PHE B 279 -6.28 1.98 0.36
CA PHE B 279 -7.51 1.56 -0.31
C PHE B 279 -7.15 0.78 -1.55
N SER B 280 -7.68 -0.43 -1.67
CA SER B 280 -7.36 -1.33 -2.76
C SER B 280 -8.47 -1.34 -3.80
N ARG B 281 -8.27 -2.12 -4.87
CA ARG B 281 -9.24 -2.21 -5.94
C ARG B 281 -10.44 -3.07 -5.56
N GLU B 282 -10.21 -4.17 -4.83
CA GLU B 282 -11.32 -4.97 -4.35
C GLU B 282 -12.18 -4.16 -3.39
N ASP B 283 -11.54 -3.44 -2.48
CA ASP B 283 -12.26 -2.53 -1.61
C ASP B 283 -13.01 -1.48 -2.43
N ARG B 284 -12.41 -1.02 -3.53
CA ARG B 284 -13.06 -0.04 -4.38
C ARG B 284 -14.36 -0.60 -4.94
N LEU B 285 -14.32 -1.80 -5.49
CA LEU B 285 -15.51 -2.40 -6.08
C LEU B 285 -16.59 -2.65 -5.02
N GLU B 286 -16.18 -3.20 -3.88
CA GLU B 286 -17.13 -3.48 -2.82
C GLU B 286 -17.79 -2.20 -2.32
N GLN B 287 -17.00 -1.14 -2.14
CA GLN B 287 -17.56 0.11 -1.66
C GLN B 287 -18.43 0.78 -2.72
N ALA B 288 -18.12 0.58 -4.00
CA ALA B 288 -18.99 1.10 -5.05
C ALA B 288 -20.36 0.43 -4.99
N LYS B 289 -20.38 -0.89 -4.86
CA LYS B 289 -21.65 -1.60 -4.72
C LYS B 289 -22.40 -1.13 -3.49
N LEU B 290 -21.69 -0.98 -2.36
CA LEU B 290 -22.33 -0.54 -1.14
C LEU B 290 -22.90 0.86 -1.29
N PHE B 291 -22.17 1.75 -1.95
CA PHE B 291 -22.65 3.11 -2.21
C PHE B 291 -23.94 3.07 -3.01
N CYS B 292 -23.96 2.27 -4.07
CA CYS B 292 -25.15 2.19 -4.90
C CYS B 292 -26.34 1.70 -4.09
N ARG B 293 -26.15 0.64 -3.31
CA ARG B 293 -27.25 0.09 -2.53
C ARG B 293 -27.75 1.07 -1.48
N THR B 294 -26.83 1.72 -0.78
CA THR B 294 -27.22 2.69 0.24
C THR B 294 -27.99 3.86 -0.37
N LEU B 295 -27.52 4.36 -1.52
CA LEU B 295 -28.22 5.44 -2.18
C LEU B 295 -29.61 5.01 -2.63
N GLU B 296 -29.72 3.79 -3.15
CA GLU B 296 -31.03 3.28 -3.54
C GLU B 296 -31.99 3.28 -2.36
N ASP B 297 -31.53 2.77 -1.22
CA ASP B 297 -32.38 2.73 -0.04
C ASP B 297 -32.78 4.14 0.40
N ILE B 298 -31.82 5.05 0.45
CA ILE B 298 -32.11 6.43 0.85
C ILE B 298 -33.18 7.03 -0.04
N LEU B 299 -33.02 6.88 -1.36
CA LEU B 299 -33.99 7.45 -2.28
C LEU B 299 -35.35 6.78 -2.14
N ALA B 300 -35.37 5.48 -1.88
CA ALA B 300 -36.63 4.79 -1.69
C ALA B 300 -37.37 5.34 -0.47
N ASP B 301 -36.65 5.65 0.60
CA ASP B 301 -37.29 6.17 1.80
C ASP B 301 -37.47 7.68 1.78
N ALA B 302 -36.74 8.39 0.92
CA ALA B 302 -36.78 9.84 0.97
C ALA B 302 -38.06 10.38 0.33
N PRO B 303 -38.61 11.49 0.84
CA PRO B 303 -39.78 12.09 0.20
C PRO B 303 -39.45 12.94 -1.01
N GLU B 304 -38.20 13.44 -1.12
CA GLU B 304 -37.84 14.27 -2.26
C GLU B 304 -37.90 13.48 -3.56
N SER B 305 -37.55 12.20 -3.51
CA SER B 305 -37.52 11.37 -4.71
C SER B 305 -38.94 11.01 -5.14
N GLN B 306 -39.71 12.01 -5.55
CA GLN B 306 -41.04 11.77 -6.12
C GLN B 306 -40.89 11.49 -7.62
N ASN B 307 -40.33 10.33 -7.91
CA ASN B 307 -40.01 9.88 -9.26
C ASN B 307 -39.19 10.92 -10.02
N ASN B 308 -38.44 11.75 -9.29
CA ASN B 308 -37.61 12.79 -9.88
C ASN B 308 -36.20 12.33 -10.21
N CYS B 309 -35.86 11.07 -9.90
CA CYS B 309 -34.51 10.58 -10.14
C CYS B 309 -34.56 9.12 -10.54
N ARG B 310 -33.59 8.72 -11.35
CA ARG B 310 -33.42 7.33 -11.76
C ARG B 310 -31.95 6.97 -11.69
N LEU B 311 -31.66 5.84 -11.07
CA LEU B 311 -30.30 5.35 -10.92
C LEU B 311 -30.02 4.29 -11.98
N ILE B 312 -28.89 4.44 -12.67
CA ILE B 312 -28.46 3.51 -13.71
C ILE B 312 -27.11 2.95 -13.29
N ALA B 313 -27.09 1.67 -12.95
CA ALA B 313 -25.88 0.97 -12.56
C ALA B 313 -25.54 -0.06 -13.63
N TYR B 314 -24.28 -0.09 -14.05
CA TYR B 314 -23.87 -0.97 -15.12
C TYR B 314 -22.43 -1.42 -14.88
N GLN B 315 -22.08 -2.53 -15.51
CA GLN B 315 -20.74 -3.10 -15.41
C GLN B 315 -20.29 -3.49 -16.80
N GLU B 316 -19.26 -2.83 -17.31
CA GLU B 316 -18.78 -3.12 -18.65
C GLU B 316 -18.30 -4.57 -18.71
N PRO B 317 -18.67 -5.34 -19.75
CA PRO B 317 -18.21 -6.74 -19.83
C PRO B 317 -16.69 -6.86 -19.79
N SER B 322 -18.26 -4.05 -26.22
CA SER B 322 -19.54 -4.45 -26.78
C SER B 322 -20.68 -3.99 -25.90
N PHE B 323 -20.50 -2.85 -25.24
CA PHE B 323 -21.50 -2.27 -24.37
C PHE B 323 -21.78 -0.84 -24.82
N SER B 324 -23.07 -0.51 -24.95
CA SER B 324 -23.50 0.81 -25.39
C SER B 324 -24.23 1.49 -24.23
N LEU B 325 -23.60 2.52 -23.67
CA LEU B 325 -24.22 3.26 -22.57
C LEU B 325 -25.50 3.94 -23.03
N SER B 326 -25.49 4.51 -24.24
CA SER B 326 -26.67 5.19 -24.75
C SER B 326 -27.86 4.25 -24.81
N GLN B 327 -27.62 2.99 -25.19
CA GLN B 327 -28.73 2.03 -25.26
C GLN B 327 -29.32 1.78 -23.88
N GLU B 328 -28.48 1.67 -22.86
CA GLU B 328 -29.00 1.48 -21.51
C GLU B 328 -29.80 2.68 -21.04
N VAL B 329 -29.30 3.89 -21.31
CA VAL B 329 -30.02 5.09 -20.91
C VAL B 329 -31.37 5.15 -21.63
N LEU B 330 -31.39 4.84 -22.91
CA LEU B 330 -32.65 4.83 -23.65
C LEU B 330 -33.61 3.78 -23.09
N ARG B 331 -33.08 2.60 -22.76
CA ARG B 331 -33.91 1.57 -22.16
C ARG B 331 -34.58 2.08 -20.90
N HIS B 332 -33.81 2.75 -20.05
CA HIS B 332 -34.39 3.29 -18.82
C HIS B 332 -35.35 4.43 -19.11
N LEU B 333 -35.14 5.15 -20.21
CA LEU B 333 -36.00 6.28 -20.54
C LEU B 333 -37.37 5.84 -21.06
N ARG B 334 -37.40 4.86 -21.96
CA ARG B 334 -38.64 4.51 -22.64
C ARG B 334 -39.70 3.99 -21.69
N GLN B 335 -39.33 3.62 -20.48
CA GLN B 335 -40.29 3.12 -19.50
C GLN B 335 -41.26 4.22 -19.11
N SER C 4 0.38 -12.66 -19.44
CA SER C 4 1.50 -12.95 -20.34
C SER C 4 1.04 -12.90 -21.79
N SER C 5 0.17 -11.94 -22.10
CA SER C 5 -0.32 -11.79 -23.47
C SER C 5 0.72 -11.19 -24.39
N LEU C 6 1.68 -10.43 -23.85
CA LEU C 6 2.71 -9.83 -24.69
C LEU C 6 3.56 -10.88 -25.38
N HIS C 7 4.11 -11.82 -24.60
CA HIS C 7 5.02 -12.81 -25.15
C HIS C 7 5.03 -14.01 -24.22
N PRO C 8 5.12 -15.23 -24.75
CA PRO C 8 5.16 -16.41 -23.85
C PRO C 8 6.35 -16.40 -22.91
N SER C 9 7.46 -15.78 -23.31
CA SER C 9 8.66 -15.79 -22.50
C SER C 9 8.56 -14.94 -21.25
N ILE C 10 7.50 -14.15 -21.10
CA ILE C 10 7.32 -13.30 -19.93
C ILE C 10 6.92 -14.18 -18.76
N PRO C 11 7.71 -14.23 -17.68
CA PRO C 11 7.31 -15.05 -16.53
C PRO C 11 6.10 -14.49 -15.83
N CYS C 12 5.21 -15.38 -15.41
CA CYS C 12 4.08 -14.96 -14.60
C CYS C 12 4.50 -14.85 -13.14
N PRO C 13 3.81 -14.03 -12.35
CA PRO C 13 4.17 -13.90 -10.93
C PRO C 13 4.03 -15.22 -10.21
N ARG C 14 4.86 -15.39 -9.18
CA ARG C 14 4.88 -16.64 -8.44
C ARG C 14 3.59 -16.82 -7.63
N GLY C 15 3.20 -18.08 -7.46
CA GLY C 15 1.99 -18.41 -6.74
C GLY C 15 2.26 -18.92 -5.34
N HIS C 16 1.64 -20.04 -4.98
CA HIS C 16 1.74 -20.61 -3.65
C HIS C 16 2.07 -22.11 -3.71
N GLY C 17 2.81 -22.53 -4.72
CA GLY C 17 3.18 -23.93 -4.82
C GLY C 17 4.05 -24.39 -3.66
N ALA C 18 4.89 -23.50 -3.15
CA ALA C 18 5.75 -23.86 -2.03
C ALA C 18 4.92 -24.24 -0.80
N GLN C 19 3.84 -23.50 -0.55
CA GLN C 19 2.99 -23.80 0.60
C GLN C 19 2.30 -25.14 0.44
N LYS C 20 1.85 -25.45 -0.77
CA LYS C 20 1.21 -26.75 -1.01
C LYS C 20 2.19 -27.88 -0.81
N ALA C 21 3.41 -27.73 -1.34
CA ALA C 21 4.43 -28.74 -1.14
C ALA C 21 4.76 -28.89 0.34
N ALA C 22 4.78 -27.78 1.07
CA ALA C 22 5.04 -27.84 2.50
C ALA C 22 3.94 -28.57 3.24
N LEU C 23 2.69 -28.36 2.84
CA LEU C 23 1.58 -29.09 3.44
C LEU C 23 1.71 -30.59 3.19
N VAL C 24 2.06 -30.96 1.96
CA VAL C 24 2.26 -32.37 1.64
C VAL C 24 3.39 -32.94 2.49
N LEU C 25 4.48 -32.19 2.64
CA LEU C 25 5.61 -32.64 3.44
C LEU C 25 5.19 -32.82 4.90
N LEU C 26 4.40 -31.90 5.44
CA LEU C 26 3.93 -32.00 6.81
C LEU C 26 3.08 -33.25 6.99
N SER C 27 2.17 -33.51 6.05
CA SER C 27 1.34 -34.71 6.14
C SER C 27 2.20 -35.96 6.11
N ALA C 28 3.18 -36.01 5.21
CA ALA C 28 4.04 -37.18 5.11
C ALA C 28 4.84 -37.38 6.40
N CYS C 29 5.35 -36.29 6.97
CA CYS C 29 6.12 -36.41 8.21
C CYS C 29 5.26 -36.90 9.36
N LEU C 30 4.03 -36.39 9.46
CA LEU C 30 3.12 -36.87 10.50
C LEU C 30 2.81 -38.35 10.32
N VAL C 31 2.57 -38.77 9.08
CA VAL C 31 2.31 -40.18 8.83
C VAL C 31 3.51 -41.04 9.21
N THR C 32 4.71 -40.57 8.89
CA THR C 32 5.92 -41.32 9.24
C THR C 32 6.07 -41.43 10.76
N LEU C 33 5.84 -40.33 11.47
CA LEU C 33 5.95 -40.37 12.92
C LEU C 33 4.92 -41.31 13.52
N TRP C 34 3.70 -41.32 12.98
CA TRP C 34 2.70 -42.26 13.44
C TRP C 34 3.14 -43.69 13.19
N GLY C 35 3.69 -43.97 12.00
CA GLY C 35 4.13 -45.31 11.69
C GLY C 35 5.24 -45.79 12.60
N LEU C 36 6.22 -44.92 12.86
CA LEU C 36 7.32 -45.31 13.74
C LEU C 36 6.84 -45.54 15.17
N GLY C 37 5.67 -45.04 15.53
CA GLY C 37 5.09 -45.33 16.83
C GLY C 37 5.92 -44.88 18.01
N GLU C 38 6.40 -43.64 17.98
CA GLU C 38 7.14 -43.10 19.10
C GLU C 38 6.27 -42.13 19.89
N PRO C 39 6.60 -41.89 21.15
CA PRO C 39 5.76 -41.04 22.00
C PRO C 39 5.61 -39.65 21.42
N PRO C 40 4.38 -39.18 21.18
CA PRO C 40 4.20 -37.81 20.69
C PRO C 40 4.73 -36.75 21.63
N GLU C 41 4.82 -37.06 22.93
CA GLU C 41 5.41 -36.11 23.87
C GLU C 41 6.85 -35.81 23.49
N HIS C 42 7.61 -36.85 23.15
CA HIS C 42 8.99 -36.66 22.71
C HIS C 42 9.05 -35.86 21.42
N THR C 43 8.13 -36.14 20.49
CA THR C 43 8.05 -35.38 19.25
C THR C 43 7.88 -33.90 19.54
N LEU C 44 6.90 -33.56 20.37
CA LEU C 44 6.66 -32.16 20.71
C LEU C 44 7.86 -31.54 21.39
N ARG C 45 8.47 -32.27 22.34
CA ARG C 45 9.64 -31.77 23.04
C ARG C 45 10.73 -31.39 22.06
N TYR C 46 11.08 -32.31 21.17
CA TYR C 46 12.21 -32.08 20.28
C TYR C 46 11.88 -31.02 19.23
N LEU C 47 10.64 -30.95 18.78
CA LEU C 47 10.25 -29.89 17.85
C LEU C 47 10.41 -28.52 18.50
N VAL C 48 9.94 -28.39 19.75
CA VAL C 48 10.07 -27.13 20.46
C VAL C 48 11.54 -26.79 20.66
N LEU C 49 12.36 -27.78 20.98
CA LEU C 49 13.78 -27.52 21.17
C LEU C 49 14.43 -27.05 19.87
N HIS C 50 14.05 -27.65 18.74
CA HIS C 50 14.60 -27.23 17.46
C HIS C 50 14.22 -25.78 17.15
N LEU C 51 12.95 -25.43 17.38
CA LEU C 51 12.52 -24.06 17.13
C LEU C 51 13.24 -23.08 18.06
N ALA C 52 13.47 -23.49 19.31
CA ALA C 52 14.23 -22.67 20.24
C ALA C 52 15.66 -22.44 19.74
N SER C 53 16.28 -23.50 19.22
CA SER C 53 17.62 -23.36 18.67
C SER C 53 17.63 -22.39 17.50
N LEU C 54 16.61 -22.46 16.65
CA LEU C 54 16.51 -21.51 15.54
C LEU C 54 16.39 -20.08 16.04
N GLN C 55 15.60 -19.88 17.10
CA GLN C 55 15.46 -18.54 17.65
C GLN C 55 16.78 -18.02 18.21
N LEU C 56 17.52 -18.87 18.92
CA LEU C 56 18.82 -18.46 19.45
C LEU C 56 19.78 -18.13 18.31
N GLY C 57 19.75 -18.91 17.23
CA GLY C 57 20.58 -18.60 16.09
C GLY C 57 20.24 -17.26 15.47
N LEU C 58 18.94 -16.97 15.33
CA LEU C 58 18.53 -15.65 14.85
C LEU C 58 19.06 -14.55 15.75
N LEU C 59 18.96 -14.75 17.07
CA LEU C 59 19.46 -13.75 18.01
C LEU C 59 20.94 -13.49 17.79
N LEU C 60 21.73 -14.56 17.68
CA LEU C 60 23.18 -14.40 17.54
C LEU C 60 23.53 -13.73 16.21
N ASN C 61 22.87 -14.13 15.12
CA ASN C 61 23.15 -13.51 13.83
C ASN C 61 22.77 -12.03 13.85
N GLY C 62 21.65 -11.69 14.47
CA GLY C 62 21.27 -10.29 14.58
C GLY C 62 22.24 -9.49 15.41
N VAL C 63 22.75 -10.09 16.49
CA VAL C 63 23.76 -9.42 17.30
C VAL C 63 25.00 -9.15 16.48
N CYS C 64 25.42 -10.13 15.66
CA CYS C 64 26.59 -9.92 14.81
C CYS C 64 26.35 -8.80 13.81
N SER C 65 25.16 -8.76 13.19
CA SER C 65 24.86 -7.72 12.22
C SER C 65 24.73 -6.35 12.87
N LEU C 66 24.35 -6.32 14.15
CA LEU C 66 24.20 -5.05 14.86
C LEU C 66 25.52 -4.29 14.93
N ALA C 67 26.64 -5.00 15.06
CA ALA C 67 27.93 -4.33 15.13
C ALA C 67 28.18 -3.49 13.89
N GLU C 68 27.82 -4.01 12.72
CA GLU C 68 27.97 -3.24 11.49
C GLU C 68 26.90 -2.17 11.36
N GLU C 69 25.65 -2.49 11.71
CA GLU C 69 24.57 -1.54 11.49
C GLU C 69 24.62 -0.36 12.43
N LEU C 70 25.31 -0.47 13.57
CA LEU C 70 25.43 0.68 14.46
C LEU C 70 26.30 1.77 13.86
N ARG C 71 27.21 1.41 12.96
CA ARG C 71 28.04 2.40 12.30
C ARG C 71 27.22 3.33 11.42
N HIS C 72 26.03 2.90 11.00
CA HIS C 72 25.16 3.69 10.14
C HIS C 72 23.94 4.21 10.89
N ILE C 73 24.04 4.34 12.21
CA ILE C 73 22.89 4.69 13.03
C ILE C 73 22.37 6.08 12.68
N HIS C 74 23.29 7.04 12.50
CA HIS C 74 22.87 8.41 12.23
C HIS C 74 22.35 8.57 10.81
N SER C 75 22.88 7.81 9.86
CA SER C 75 22.49 7.98 8.46
C SER C 75 21.24 7.17 8.13
N ARG C 76 21.31 5.86 8.29
CA ARG C 76 20.20 4.99 7.88
C ARG C 76 19.05 5.04 8.87
N TYR C 77 19.35 5.09 10.16
CA TYR C 77 18.35 4.84 11.20
C TYR C 77 18.05 6.07 12.05
N ARG C 78 18.51 7.25 11.64
CA ARG C 78 18.08 8.50 12.27
C ARG C 78 18.41 8.54 13.75
N GLY C 79 19.57 8.01 14.12
CA GLY C 79 20.04 8.10 15.49
C GLY C 79 19.24 7.31 16.50
N SER C 80 18.37 6.41 16.06
CA SER C 80 17.52 5.63 16.95
C SER C 80 18.11 4.24 17.10
N TYR C 81 18.52 3.89 18.33
CA TYR C 81 19.01 2.54 18.59
C TYR C 81 17.91 1.51 18.41
N TRP C 82 16.68 1.85 18.82
CA TRP C 82 15.58 0.91 18.67
C TRP C 82 15.31 0.59 17.20
N ARG C 83 15.49 1.57 16.32
CA ARG C 83 15.30 1.30 14.90
C ARG C 83 16.35 0.33 14.38
N THR C 84 17.60 0.49 14.80
CA THR C 84 18.64 -0.47 14.40
C THR C 84 18.34 -1.86 14.94
N VAL C 85 17.88 -1.94 16.18
CA VAL C 85 17.55 -3.23 16.77
C VAL C 85 16.41 -3.89 16.00
N ARG C 86 15.39 -3.11 15.64
CA ARG C 86 14.28 -3.66 14.87
C ARG C 86 14.74 -4.11 13.49
N ALA C 87 15.70 -3.38 12.90
CA ALA C 87 16.19 -3.77 11.58
C ALA C 87 17.04 -5.04 11.64
N CYS C 88 17.78 -5.24 12.73
CA CYS C 88 18.64 -6.41 12.85
C CYS C 88 17.95 -7.62 13.45
N LEU C 89 16.80 -7.44 14.11
CA LEU C 89 16.13 -8.53 14.81
C LEU C 89 14.63 -8.61 14.56
N GLY C 90 14.02 -7.61 13.94
CA GLY C 90 12.59 -7.58 13.85
C GLY C 90 11.96 -7.01 15.10
N CYS C 91 10.66 -7.23 15.23
CA CYS C 91 9.92 -6.72 16.38
C CYS C 91 10.57 -7.21 17.67
N PRO C 92 11.22 -6.34 18.43
CA PRO C 92 11.93 -6.81 19.63
C PRO C 92 11.02 -7.48 20.64
N LEU C 93 9.76 -7.06 20.74
CA LEU C 93 8.86 -7.67 21.71
C LEU C 93 8.62 -9.14 21.40
N ARG C 94 8.28 -9.44 20.15
CA ARG C 94 8.06 -10.82 19.75
C ARG C 94 9.31 -11.67 19.94
N ARG C 95 10.46 -11.13 19.52
CA ARG C 95 11.70 -11.89 19.63
C ARG C 95 12.05 -12.15 21.09
N GLY C 96 11.85 -11.15 21.96
CA GLY C 96 12.12 -11.35 23.37
C GLY C 96 11.20 -12.37 24.00
N ALA C 97 9.91 -12.34 23.63
CA ALA C 97 8.98 -13.33 24.15
C ALA C 97 9.39 -14.73 23.72
N LEU C 98 9.75 -14.89 22.45
CA LEU C 98 10.16 -16.21 21.97
C LEU C 98 11.45 -16.66 22.66
N LEU C 99 12.37 -15.73 22.91
CA LEU C 99 13.60 -16.09 23.62
C LEU C 99 13.30 -16.54 25.04
N LEU C 100 12.41 -15.84 25.73
CA LEU C 100 12.04 -16.26 27.08
C LEU C 100 11.41 -17.64 27.07
N LEU C 101 10.51 -17.88 26.12
CA LEU C 101 9.87 -19.20 26.04
C LEU C 101 10.90 -20.28 25.76
N SER C 102 11.84 -20.02 24.85
CA SER C 102 12.86 -21.00 24.53
C SER C 102 13.72 -21.30 25.74
N ILE C 103 14.15 -20.26 26.46
CA ILE C 103 14.95 -20.45 27.67
C ILE C 103 14.19 -21.30 28.67
N TYR C 104 12.91 -20.97 28.90
CA TYR C 104 12.11 -21.73 29.85
C TYR C 104 12.03 -23.20 29.46
N PHE C 105 11.60 -23.47 28.23
CA PHE C 105 11.37 -24.84 27.81
C PHE C 105 12.65 -25.61 27.52
N TYR C 106 13.80 -24.94 27.53
CA TYR C 106 15.07 -25.67 27.45
C TYR C 106 15.63 -25.95 28.84
N TYR C 107 15.89 -24.89 29.61
CA TYR C 107 16.45 -25.07 30.95
C TYR C 107 15.53 -25.87 31.86
N SER C 108 14.24 -25.97 31.53
CA SER C 108 13.30 -26.67 32.39
C SER C 108 12.94 -28.06 31.88
N LEU C 109 13.14 -28.33 30.60
CA LEU C 109 12.88 -29.66 30.06
C LEU C 109 14.11 -30.55 30.19
N PRO C 110 13.94 -31.88 30.07
CA PRO C 110 15.07 -32.80 30.14
C PRO C 110 16.13 -32.50 29.10
N PRO C 116 22.47 -29.18 29.15
CA PRO C 116 22.96 -27.89 29.65
C PRO C 116 22.69 -26.76 28.67
N PHE C 117 22.16 -25.64 29.18
CA PHE C 117 21.77 -24.55 28.29
C PHE C 117 22.99 -23.79 27.78
N THR C 118 23.96 -23.54 28.65
CA THR C 118 25.12 -22.74 28.25
C THR C 118 25.97 -23.47 27.22
N TRP C 119 26.11 -24.79 27.37
CA TRP C 119 26.89 -25.57 26.43
C TRP C 119 26.25 -25.52 25.04
N MET C 120 24.94 -25.73 24.98
CA MET C 120 24.24 -25.66 23.70
C MET C 120 24.31 -24.26 23.11
N LEU C 121 24.22 -23.24 23.97
CA LEU C 121 24.34 -21.87 23.49
C LEU C 121 25.70 -21.63 22.85
N ALA C 122 26.77 -22.11 23.49
CA ALA C 122 28.10 -21.95 22.93
C ALA C 122 28.22 -22.70 21.61
N LEU C 123 27.66 -23.90 21.53
CA LEU C 123 27.72 -24.66 20.29
C LEU C 123 27.01 -23.93 19.16
N LEU C 124 25.82 -23.40 19.44
CA LEU C 124 25.07 -22.68 18.42
C LEU C 124 25.79 -21.41 18.00
N GLY C 125 26.41 -20.71 18.95
CA GLY C 125 27.17 -19.53 18.60
C GLY C 125 28.36 -19.87 17.72
N LEU C 126 29.03 -20.98 18.01
CA LEU C 126 30.13 -21.44 17.16
C LEU C 126 29.63 -21.72 15.75
N SER C 127 28.49 -22.41 15.64
CA SER C 127 27.96 -22.73 14.31
C SER C 127 27.60 -21.46 13.54
N GLN C 128 26.96 -20.50 14.20
CA GLN C 128 26.59 -19.26 13.52
C GLN C 128 27.83 -18.48 13.10
N ALA C 129 28.84 -18.42 13.97
CA ALA C 129 30.07 -17.73 13.62
C ALA C 129 30.73 -18.38 12.42
N LEU C 130 30.72 -19.72 12.36
CA LEU C 130 31.26 -20.40 11.18
C LEU C 130 30.46 -20.04 9.93
N ASN C 131 29.14 -20.06 10.02
CA ASN C 131 28.32 -19.76 8.86
C ASN C 131 28.58 -18.33 8.37
N ILE C 132 28.84 -17.41 9.29
CA ILE C 132 29.09 -16.02 8.89
C ILE C 132 30.48 -15.87 8.29
N LEU C 133 31.49 -16.41 8.95
CA LEU C 133 32.87 -16.22 8.50
C LEU C 133 33.10 -16.87 7.15
N LEU C 134 32.50 -18.03 6.91
CA LEU C 134 32.70 -18.76 5.67
C LEU C 134 31.71 -18.36 4.59
N GLY C 135 30.86 -17.37 4.85
CA GLY C 135 29.94 -16.88 3.84
C GLY C 135 28.92 -17.91 3.39
N LEU C 136 28.30 -18.60 4.34
CA LEU C 136 27.31 -19.62 4.06
C LEU C 136 25.88 -19.11 4.22
N LYS C 137 25.70 -17.84 4.57
CA LYS C 137 24.37 -17.28 4.76
C LYS C 137 23.69 -16.91 3.45
N GLY C 138 24.40 -16.99 2.34
CA GLY C 138 23.85 -16.60 1.05
C GLY C 138 22.63 -17.40 0.67
N LEU C 139 21.58 -16.71 0.23
CA LEU C 139 20.37 -17.36 -0.23
C LEU C 139 20.54 -17.87 -1.65
N ALA C 140 19.66 -18.78 -2.03
CA ALA C 140 19.66 -19.29 -3.39
C ALA C 140 19.06 -18.27 -4.35
N PRO C 141 19.38 -18.37 -5.64
CA PRO C 141 18.87 -17.37 -6.59
C PRO C 141 17.36 -17.26 -6.61
N ALA C 142 16.64 -18.38 -6.48
CA ALA C 142 15.19 -18.33 -6.54
C ALA C 142 14.61 -17.55 -5.38
N GLU C 143 15.13 -17.77 -4.17
CA GLU C 143 14.64 -17.03 -3.01
C GLU C 143 14.93 -15.55 -3.14
N ILE C 144 16.12 -15.20 -3.63
CA ILE C 144 16.47 -13.81 -3.83
C ILE C 144 15.51 -13.17 -4.83
N SER C 145 15.25 -13.87 -5.93
CA SER C 145 14.35 -13.33 -6.95
C SER C 145 12.94 -13.14 -6.40
N ALA C 146 12.45 -14.11 -5.64
CA ALA C 146 11.13 -14.00 -5.05
C ALA C 146 11.06 -12.82 -4.09
N VAL C 147 12.08 -12.65 -3.26
CA VAL C 147 12.12 -11.52 -2.32
C VAL C 147 12.10 -10.20 -3.09
N CYS C 148 12.92 -10.11 -4.14
CA CYS C 148 13.01 -8.87 -4.91
C CYS C 148 11.69 -8.56 -5.59
N GLU C 149 11.04 -9.57 -6.15
CA GLU C 149 9.75 -9.33 -6.81
C GLU C 149 8.68 -8.92 -5.81
N LYS C 150 8.63 -9.60 -4.65
CA LYS C 150 7.63 -9.25 -3.65
C LYS C 150 7.84 -7.84 -3.13
N GLY C 151 9.09 -7.47 -2.86
CA GLY C 151 9.42 -6.15 -2.40
C GLY C 151 9.72 -5.14 -3.47
N ASN C 152 9.60 -5.53 -4.74
CA ASN C 152 9.87 -4.64 -5.87
C ASN C 152 11.28 -4.04 -5.77
N PHE C 153 12.23 -4.91 -5.47
CA PHE C 153 13.64 -4.53 -5.41
C PHE C 153 14.33 -4.85 -6.75
N ASN C 154 13.81 -4.24 -7.81
CA ASN C 154 14.29 -4.47 -9.17
C ASN C 154 14.49 -3.13 -9.87
N VAL C 155 15.51 -3.08 -10.72
CA VAL C 155 15.75 -1.88 -11.51
C VAL C 155 14.65 -1.68 -12.54
N ALA C 156 14.12 -2.77 -13.08
CA ALA C 156 13.09 -2.67 -14.11
C ALA C 156 11.84 -1.99 -13.57
N HIS C 157 11.51 -2.23 -12.30
CA HIS C 157 10.37 -1.58 -11.69
C HIS C 157 10.50 -0.06 -11.76
N GLY C 158 11.62 0.47 -11.30
CA GLY C 158 11.84 1.90 -11.35
C GLY C 158 11.92 2.42 -12.76
N LEU C 159 12.54 1.66 -13.66
CA LEU C 159 12.64 2.11 -15.05
C LEU C 159 11.26 2.24 -15.69
N ALA C 160 10.40 1.25 -15.46
CA ALA C 160 9.06 1.29 -16.04
C ALA C 160 8.24 2.43 -15.45
N TRP C 161 8.32 2.62 -14.13
CA TRP C 161 7.58 3.72 -13.53
C TRP C 161 8.09 5.07 -14.01
N SER C 162 9.41 5.20 -14.20
CA SER C 162 9.96 6.42 -14.76
C SER C 162 9.47 6.65 -16.17
N TYR C 163 9.43 5.60 -16.97
CA TYR C 163 8.95 5.73 -18.35
C TYR C 163 7.50 6.18 -18.38
N TYR C 164 6.67 5.62 -17.50
CA TYR C 164 5.27 6.02 -17.46
C TYR C 164 5.12 7.45 -16.98
N ILE C 165 5.79 7.80 -15.89
CA ILE C 165 5.57 9.10 -15.27
C ILE C 165 6.14 10.23 -16.12
N GLY C 166 7.38 10.08 -16.57
CA GLY C 166 8.06 11.18 -17.23
C GLY C 166 7.69 11.37 -18.68
N TYR C 167 7.27 10.30 -19.36
CA TYR C 167 7.02 10.35 -20.80
C TYR C 167 5.57 10.10 -21.16
N LEU C 168 5.01 8.94 -20.79
CA LEU C 168 3.69 8.57 -21.30
C LEU C 168 2.59 9.40 -20.65
N ARG C 169 2.65 9.56 -19.33
CA ARG C 169 1.66 10.34 -18.62
C ARG C 169 1.60 11.78 -19.11
N LEU C 170 2.66 12.26 -19.77
CA LEU C 170 2.73 13.61 -20.29
C LEU C 170 2.56 13.67 -21.80
N ILE C 171 2.40 12.52 -22.46
CA ILE C 171 2.40 12.45 -23.92
C ILE C 171 1.08 11.92 -24.47
N LEU C 172 0.51 10.91 -23.83
CA LEU C 172 -0.67 10.26 -24.40
C LEU C 172 -1.86 11.20 -24.54
N PRO C 173 -2.21 12.02 -23.56
CA PRO C 173 -3.42 12.85 -23.70
C PRO C 173 -3.43 13.75 -24.92
N GLU C 174 -2.31 14.37 -25.25
CA GLU C 174 -2.22 15.29 -26.38
C GLU C 174 -1.93 14.59 -27.70
N LEU C 175 -1.75 13.27 -27.67
CA LEU C 175 -1.40 12.55 -28.89
C LEU C 175 -2.50 12.66 -29.94
N GLN C 176 -3.76 12.51 -29.52
CA GLN C 176 -4.85 12.60 -30.47
C GLN C 176 -4.93 13.98 -31.11
N ALA C 177 -4.75 15.03 -30.30
CA ALA C 177 -4.79 16.38 -30.84
C ALA C 177 -3.67 16.60 -31.84
N ARG C 178 -2.46 16.17 -31.49
CA ARG C 178 -1.33 16.34 -32.41
C ARG C 178 -1.56 15.56 -33.70
N ILE C 179 -2.13 14.36 -33.59
CA ILE C 179 -2.38 13.55 -34.77
C ILE C 179 -3.40 14.22 -35.66
N ARG C 180 -4.49 14.75 -35.08
CA ARG C 180 -5.49 15.45 -35.88
C ARG C 180 -4.89 16.66 -36.56
N THR C 181 -4.07 17.42 -35.84
CA THR C 181 -3.41 18.59 -36.44
C THR C 181 -2.57 18.17 -37.63
N TYR C 182 -1.74 17.13 -37.46
CA TYR C 182 -0.89 16.69 -38.56
C TYR C 182 -1.71 16.21 -39.74
N ASN C 183 -2.80 15.48 -39.47
CA ASN C 183 -3.59 14.91 -40.55
C ASN C 183 -4.32 15.99 -41.33
N GLN C 184 -4.90 16.98 -40.64
CA GLN C 184 -5.60 18.05 -41.34
C GLN C 184 -4.63 18.96 -42.06
N HIS C 185 -3.43 19.15 -41.51
CA HIS C 185 -2.43 20.00 -42.14
C HIS C 185 -1.60 19.28 -43.19
N TYR C 186 -1.87 17.99 -43.43
CA TYR C 186 -1.12 17.22 -44.41
C TYR C 186 -1.91 15.99 -44.84
N GLY C 192 -0.36 9.41 -44.44
CA GLY C 192 -1.09 10.56 -43.96
C GLY C 192 -2.11 10.21 -42.89
N ALA C 193 -2.90 9.17 -43.15
CA ALA C 193 -3.90 8.71 -42.20
C ALA C 193 -3.25 7.83 -41.12
N VAL C 194 -2.35 8.47 -40.37
CA VAL C 194 -1.63 7.74 -39.33
C VAL C 194 -2.60 7.22 -38.29
N SER C 195 -2.38 5.98 -37.86
CA SER C 195 -3.24 5.40 -36.84
C SER C 195 -3.13 6.18 -35.54
N GLN C 196 -4.25 6.26 -34.83
CA GLN C 196 -4.35 7.11 -33.64
C GLN C 196 -3.84 6.40 -32.39
N ARG C 197 -2.65 5.82 -32.48
CA ARG C 197 -2.04 5.16 -31.34
C ARG C 197 -0.53 5.24 -31.45
N LEU C 198 0.14 5.16 -30.30
CA LEU C 198 1.59 5.15 -30.21
C LEU C 198 2.05 3.71 -30.06
N TYR C 199 2.91 3.26 -30.96
CA TYR C 199 3.37 1.88 -30.98
C TYR C 199 4.79 1.80 -30.43
N ILE C 200 4.93 1.12 -29.29
CA ILE C 200 6.17 1.06 -28.54
C ILE C 200 6.76 -0.34 -28.71
N LEU C 201 7.98 -0.39 -29.22
CA LEU C 201 8.66 -1.66 -29.46
C LEU C 201 9.45 -2.09 -28.23
N LEU C 202 9.41 -3.39 -27.94
CA LEU C 202 10.08 -3.96 -26.78
C LEU C 202 10.88 -5.17 -27.25
N PRO C 203 12.15 -4.97 -27.63
CA PRO C 203 13.03 -6.10 -27.92
C PRO C 203 13.61 -6.68 -26.64
N LEU C 204 13.24 -7.92 -26.35
CA LEU C 204 13.71 -8.56 -25.12
C LEU C 204 15.22 -8.77 -25.14
N ASP C 205 15.84 -8.77 -26.31
CA ASP C 205 17.29 -8.78 -26.40
C ASP C 205 17.90 -7.42 -26.10
N CYS C 206 17.07 -6.38 -25.96
CA CYS C 206 17.51 -5.03 -25.60
C CYS C 206 18.41 -4.42 -26.66
N GLY C 207 18.33 -4.90 -27.89
CA GLY C 207 19.04 -4.28 -28.99
C GLY C 207 18.24 -3.13 -29.58
N VAL C 208 18.61 -1.91 -29.23
CA VAL C 208 17.86 -0.72 -29.57
C VAL C 208 18.73 0.18 -30.44
N PRO C 209 18.60 0.11 -31.75
CA PRO C 209 19.32 1.04 -32.62
C PRO C 209 18.65 2.42 -32.65
N ASP C 210 19.45 3.42 -33.01
CA ASP C 210 18.95 4.78 -33.09
C ASP C 210 18.15 5.05 -34.36
N ASN C 211 18.30 4.20 -35.38
CA ASN C 211 17.58 4.35 -36.64
C ASN C 211 16.93 3.02 -36.99
N LEU C 212 15.60 3.04 -37.12
CA LEU C 212 14.86 1.82 -37.43
C LEU C 212 15.20 1.33 -38.83
N SER C 213 15.40 2.25 -39.77
CA SER C 213 15.71 1.85 -41.14
C SER C 213 16.88 0.89 -41.19
N MET C 214 17.84 1.04 -40.27
CA MET C 214 18.95 0.09 -40.19
C MET C 214 18.45 -1.29 -39.81
N ALA C 215 17.48 -1.36 -38.89
CA ALA C 215 16.96 -2.65 -38.46
C ALA C 215 16.13 -3.30 -39.55
N ASP C 216 15.32 -2.53 -40.26
CA ASP C 216 14.46 -3.06 -41.30
C ASP C 216 14.17 -1.99 -42.34
N PRO C 217 14.60 -2.17 -43.59
CA PRO C 217 14.32 -1.14 -44.62
C PRO C 217 12.84 -0.89 -44.84
N ASN C 218 11.99 -1.88 -44.58
CA ASN C 218 10.56 -1.70 -44.84
C ASN C 218 9.97 -0.58 -44.00
N ILE C 219 10.64 -0.19 -42.92
CA ILE C 219 10.21 0.93 -42.09
C ILE C 219 10.99 2.16 -42.53
N ARG C 220 10.27 3.22 -42.90
CA ARG C 220 10.91 4.43 -43.41
C ARG C 220 10.29 5.67 -42.77
N PHE C 221 11.15 6.62 -42.42
CA PHE C 221 10.71 7.85 -41.79
C PHE C 221 9.97 8.73 -42.79
N LEU C 222 8.93 9.41 -42.32
CA LEU C 222 8.16 10.33 -43.16
C LEU C 222 8.28 11.76 -42.67
N ASP C 223 7.90 12.06 -41.43
CA ASP C 223 7.86 13.43 -40.94
C ASP C 223 7.77 13.36 -39.42
N LYS C 224 7.50 14.50 -38.78
CA LYS C 224 7.44 14.59 -37.34
C LYS C 224 6.18 15.32 -36.93
N LEU C 225 5.55 14.85 -35.85
CA LEU C 225 4.38 15.52 -35.31
C LEU C 225 4.76 16.87 -34.73
N PRO C 226 3.80 17.78 -34.58
CA PRO C 226 4.08 19.04 -33.88
C PRO C 226 4.61 18.77 -32.49
N GLN C 227 5.76 19.37 -32.18
CA GLN C 227 6.43 19.11 -30.91
C GLN C 227 5.54 19.49 -29.74
N GLN C 228 5.50 18.64 -28.73
CA GLN C 228 4.86 19.00 -27.47
C GLN C 228 5.88 19.67 -26.57
N THR C 229 5.38 20.58 -25.72
CA THR C 229 6.28 21.39 -24.91
C THR C 229 5.77 21.49 -23.49
N GLY C 230 6.70 21.63 -22.56
CA GLY C 230 6.33 21.79 -21.15
C GLY C 230 7.57 22.08 -20.32
N ASP C 231 7.31 22.54 -19.10
CA ASP C 231 8.37 22.81 -18.13
C ASP C 231 8.56 21.60 -17.22
N ARG C 232 9.83 21.26 -16.97
CA ARG C 232 10.14 20.06 -16.22
C ARG C 232 11.42 20.29 -15.41
N ALA C 233 11.30 20.20 -14.10
CA ALA C 233 12.45 20.14 -13.19
C ALA C 233 13.45 21.26 -13.48
N GLY C 234 12.96 22.49 -13.38
CA GLY C 234 13.77 23.66 -13.62
C GLY C 234 14.06 23.95 -15.07
N ILE C 235 13.88 22.99 -15.96
CA ILE C 235 14.05 23.22 -17.39
C ILE C 235 12.69 23.56 -17.97
N LYS C 236 12.62 24.72 -18.63
CA LYS C 236 11.40 25.17 -19.27
C LYS C 236 11.55 25.08 -20.79
N ASP C 237 10.40 24.95 -21.46
CA ASP C 237 10.36 24.76 -22.90
C ASP C 237 11.01 23.43 -23.30
N ARG C 238 11.03 22.47 -22.38
CA ARG C 238 11.46 21.12 -22.73
C ARG C 238 10.46 20.52 -23.69
N VAL C 239 10.97 19.93 -24.77
CA VAL C 239 10.14 19.51 -25.90
C VAL C 239 10.23 18.00 -26.05
N TYR C 240 9.07 17.38 -26.25
CA TYR C 240 8.95 15.98 -26.62
C TYR C 240 8.52 15.89 -28.07
N SER C 241 9.23 15.10 -28.86
CA SER C 241 8.98 14.95 -30.28
C SER C 241 8.76 13.48 -30.60
N ASN C 242 7.91 13.23 -31.59
CA ASN C 242 7.61 11.89 -32.05
C ASN C 242 7.77 11.84 -33.57
N SER C 243 8.02 10.64 -34.08
CA SER C 243 8.28 10.43 -35.49
C SER C 243 7.20 9.55 -36.11
N ILE C 244 6.98 9.75 -37.40
CA ILE C 244 6.00 8.98 -38.16
C ILE C 244 6.76 8.09 -39.12
N TYR C 245 6.37 6.81 -39.16
CA TYR C 245 7.05 5.81 -39.98
C TYR C 245 6.04 5.09 -40.85
N GLU C 246 6.44 4.85 -42.10
CA GLU C 246 5.67 4.06 -43.05
C GLU C 246 6.21 2.64 -43.08
N LEU C 247 5.29 1.68 -43.09
CA LEU C 247 5.59 0.27 -43.18
C LEU C 247 5.18 -0.23 -44.54
N LEU C 248 6.12 -0.83 -45.26
CA LEU C 248 5.96 -1.25 -46.64
C LEU C 248 5.75 -2.76 -46.74
N GLU C 249 5.12 -3.16 -47.84
CA GLU C 249 4.99 -4.56 -48.21
C GLU C 249 5.34 -4.71 -49.67
N ASN C 250 6.19 -5.69 -49.99
CA ASN C 250 6.62 -5.96 -51.35
C ASN C 250 6.93 -4.66 -52.09
N GLY C 251 7.55 -3.70 -51.42
CA GLY C 251 7.92 -2.45 -52.03
C GLY C 251 6.83 -1.40 -52.07
N GLN C 252 5.62 -1.74 -51.63
CA GLN C 252 4.50 -0.80 -51.63
C GLN C 252 4.07 -0.52 -50.20
N ARG C 253 3.57 0.70 -49.98
CA ARG C 253 3.15 1.10 -48.65
C ARG C 253 2.02 0.21 -48.16
N ALA C 254 2.06 -0.13 -46.88
CA ALA C 254 1.01 -0.90 -46.23
C ALA C 254 0.45 -0.23 -45.00
N GLY C 255 1.21 0.63 -44.32
CA GLY C 255 0.68 1.33 -43.17
C GLY C 255 1.53 2.51 -42.79
N THR C 256 1.03 3.29 -41.84
CA THR C 256 1.76 4.41 -41.26
C THR C 256 1.40 4.51 -39.79
N CYS C 257 2.38 4.82 -38.95
CA CYS C 257 2.14 4.83 -37.52
C CYS C 257 3.20 5.67 -36.81
N VAL C 258 2.86 6.08 -35.59
CA VAL C 258 3.80 6.74 -34.69
C VAL C 258 4.49 5.64 -33.90
N LEU C 259 5.67 5.26 -34.35
CA LEU C 259 6.40 4.12 -33.83
C LEU C 259 7.66 4.57 -33.13
N GLU C 260 8.02 3.90 -32.04
CA GLU C 260 9.27 4.22 -31.37
C GLU C 260 9.69 3.06 -30.48
N TYR C 261 10.96 3.04 -30.14
CA TYR C 261 11.52 2.08 -29.20
C TYR C 261 11.35 2.58 -27.77
N ALA C 262 11.42 1.65 -26.84
CA ALA C 262 11.43 1.96 -25.41
C ALA C 262 12.86 2.29 -25.01
N THR C 263 13.12 3.57 -24.77
CA THR C 263 14.48 4.01 -24.49
C THR C 263 15.12 3.30 -23.30
N PRO C 264 14.42 3.04 -22.20
CA PRO C 264 15.09 2.45 -21.03
C PRO C 264 15.84 1.17 -21.34
N LEU C 265 15.38 0.39 -22.32
CA LEU C 265 16.07 -0.85 -22.63
C LEU C 265 17.52 -0.60 -23.01
N GLN C 266 17.79 0.48 -23.75
CA GLN C 266 19.17 0.85 -24.04
C GLN C 266 20.00 0.85 -22.76
N THR C 267 19.49 1.51 -21.72
CA THR C 267 20.19 1.54 -20.45
C THR C 267 20.52 0.12 -19.99
N LEU C 268 19.52 -0.76 -19.99
CA LEU C 268 19.76 -2.13 -19.56
C LEU C 268 20.89 -2.77 -20.35
N PHE C 269 20.95 -2.48 -21.65
CA PHE C 269 22.07 -2.98 -22.45
C PHE C 269 23.38 -2.36 -21.99
N ALA C 270 23.41 -1.03 -21.87
CA ALA C 270 24.65 -0.36 -21.52
C ALA C 270 25.14 -0.80 -20.15
N MET C 271 24.23 -0.94 -19.19
CA MET C 271 24.62 -1.38 -17.86
C MET C 271 25.30 -2.75 -17.90
N SER C 272 24.95 -3.58 -18.88
CA SER C 272 25.59 -4.88 -19.00
C SER C 272 26.99 -4.77 -19.58
N GLN C 273 27.26 -3.73 -20.37
CA GLN C 273 28.59 -3.55 -20.93
C GLN C 273 29.55 -3.02 -19.88
N TYR C 274 29.13 -2.02 -19.11
CA TYR C 274 29.98 -1.46 -18.08
C TYR C 274 30.16 -2.45 -16.93
N SER C 275 31.37 -2.46 -16.37
CA SER C 275 31.67 -3.34 -15.24
C SER C 275 31.31 -2.70 -13.91
N GLN C 276 31.33 -1.37 -13.84
CA GLN C 276 30.99 -0.66 -12.61
C GLN C 276 29.53 -0.83 -12.23
N ALA C 277 28.68 -1.33 -13.12
CA ALA C 277 27.26 -1.45 -12.85
C ALA C 277 26.89 -2.75 -12.17
N GLY C 278 27.77 -3.75 -12.17
CA GLY C 278 27.45 -5.03 -11.56
C GLY C 278 26.22 -5.66 -12.18
N PHE C 279 26.16 -5.67 -13.50
CA PHE C 279 24.98 -6.11 -14.23
C PHE C 279 25.42 -7.05 -15.34
N SER C 280 24.81 -8.22 -15.40
CA SER C 280 25.14 -9.27 -16.35
C SER C 280 24.06 -9.38 -17.42
N ARG C 281 24.27 -10.30 -18.35
CA ARG C 281 23.33 -10.49 -19.46
C ARG C 281 22.09 -11.23 -19.02
N GLU C 282 22.24 -12.22 -18.15
CA GLU C 282 21.07 -12.91 -17.61
C GLU C 282 20.19 -11.95 -16.84
N ASP C 283 20.80 -11.12 -15.99
CA ASP C 283 20.06 -10.06 -15.34
C ASP C 283 19.41 -9.13 -16.35
N ARG C 284 20.10 -8.86 -17.46
CA ARG C 284 19.54 -8.01 -18.50
C ARG C 284 18.24 -8.59 -19.04
N LEU C 285 18.26 -9.88 -19.41
CA LEU C 285 17.07 -10.52 -19.94
C LEU C 285 15.94 -10.51 -18.90
N GLU C 286 16.26 -10.93 -17.67
CA GLU C 286 15.23 -10.99 -16.64
C GLU C 286 14.61 -9.63 -16.40
N GLN C 287 15.44 -8.59 -16.32
CA GLN C 287 14.94 -7.25 -16.04
C GLN C 287 14.17 -6.68 -17.23
N ALA C 288 14.55 -7.03 -18.46
CA ALA C 288 13.79 -6.57 -19.60
C ALA C 288 12.39 -7.16 -19.60
N LYS C 289 12.29 -8.47 -19.33
CA LYS C 289 10.98 -9.09 -19.28
C LYS C 289 10.15 -8.54 -18.13
N LEU C 290 10.79 -8.32 -16.97
CA LEU C 290 10.08 -7.73 -15.84
C LEU C 290 9.62 -6.31 -16.16
N PHE C 291 10.43 -5.55 -16.90
CA PHE C 291 10.06 -4.21 -17.32
C PHE C 291 8.81 -4.26 -18.19
N CYS C 292 8.79 -5.16 -19.18
CA CYS C 292 7.62 -5.30 -20.02
C CYS C 292 6.39 -5.62 -19.19
N ARG C 293 6.52 -6.58 -18.27
CA ARG C 293 5.37 -6.98 -17.46
C ARG C 293 4.86 -5.82 -16.60
N THR C 294 5.78 -5.11 -15.95
CA THR C 294 5.39 -4.01 -15.08
C THR C 294 4.72 -2.90 -15.88
N LEU C 295 5.25 -2.58 -17.06
CA LEU C 295 4.65 -1.54 -17.87
C LEU C 295 3.25 -1.94 -18.33
N GLU C 296 3.08 -3.20 -18.71
CA GLU C 296 1.76 -3.67 -19.09
C GLU C 296 0.78 -3.54 -17.93
N ASP C 297 1.22 -3.95 -16.73
CA ASP C 297 0.34 -3.86 -15.57
C ASP C 297 -0.02 -2.41 -15.27
N ILE C 298 0.94 -1.50 -15.42
CA ILE C 298 0.66 -0.09 -15.18
C ILE C 298 -0.37 0.43 -16.16
N LEU C 299 -0.15 0.16 -17.45
CA LEU C 299 -1.06 0.69 -18.46
C LEU C 299 -2.44 0.10 -18.36
N ALA C 300 -2.56 -1.16 -17.95
CA ALA C 300 -3.88 -1.78 -17.84
C ALA C 300 -4.79 -1.05 -16.87
N ASP C 301 -4.23 -0.30 -15.93
CA ASP C 301 -5.01 0.39 -14.91
C ASP C 301 -4.91 1.90 -15.01
N ALA C 302 -4.09 2.43 -15.91
CA ALA C 302 -3.90 3.87 -15.97
C ALA C 302 -5.08 4.54 -16.68
N PRO C 303 -5.59 5.65 -16.16
CA PRO C 303 -6.66 6.36 -16.88
C PRO C 303 -6.18 7.10 -18.10
N GLU C 304 -4.90 7.50 -18.13
CA GLU C 304 -4.37 8.21 -19.29
C GLU C 304 -4.41 7.32 -20.53
N SER C 305 -4.02 6.05 -20.38
CA SER C 305 -3.96 5.12 -21.50
C SER C 305 -5.36 4.55 -21.74
N GLN C 306 -6.04 5.07 -22.75
CA GLN C 306 -7.34 4.56 -23.19
C GLN C 306 -7.25 4.33 -24.69
N ASN C 307 -6.75 3.16 -25.07
CA ASN C 307 -6.60 2.78 -26.47
C ASN C 307 -5.63 3.69 -27.22
N ASN C 308 -4.69 4.31 -26.51
CA ASN C 308 -3.75 5.23 -27.12
C ASN C 308 -2.36 4.63 -27.35
N CYS C 309 -2.04 3.51 -26.70
CA CYS C 309 -0.72 2.90 -26.80
C CYS C 309 -0.85 1.42 -27.11
N ARG C 310 0.14 0.90 -27.84
CA ARG C 310 0.22 -0.51 -28.15
C ARG C 310 1.66 -0.97 -27.96
N LEU C 311 1.86 -1.94 -27.09
CA LEU C 311 3.17 -2.51 -26.85
C LEU C 311 3.38 -3.72 -27.74
N ILE C 312 4.50 -3.74 -28.45
CA ILE C 312 4.86 -4.83 -29.36
C ILE C 312 6.16 -5.42 -28.83
N ALA C 313 6.06 -6.53 -28.10
CA ALA C 313 7.22 -7.20 -27.54
C ALA C 313 7.63 -8.32 -28.48
N TYR C 314 8.93 -8.44 -28.71
CA TYR C 314 9.42 -9.46 -29.63
C TYR C 314 10.81 -9.92 -29.20
N GLN C 315 11.17 -11.11 -29.65
CA GLN C 315 12.46 -11.72 -29.35
C GLN C 315 13.02 -12.30 -30.63
N GLU C 316 14.21 -11.86 -31.02
CA GLU C 316 14.83 -12.36 -32.24
C GLU C 316 15.47 -13.72 -31.99
N PRO C 317 15.13 -14.76 -32.77
CA PRO C 317 15.74 -16.08 -32.55
C PRO C 317 17.21 -16.12 -32.96
N SER C 322 15.44 -14.27 -40.38
CA SER C 322 14.18 -15.02 -40.45
C SER C 322 13.07 -14.29 -39.68
N PHE C 323 13.35 -13.08 -39.24
CA PHE C 323 12.41 -12.26 -38.49
C PHE C 323 12.22 -10.93 -39.19
N SER C 324 10.97 -10.50 -39.32
CA SER C 324 10.62 -9.24 -39.97
C SER C 324 9.87 -8.37 -38.98
N LEU C 325 10.49 -7.25 -38.59
CA LEU C 325 9.86 -6.33 -37.66
C LEU C 325 8.63 -5.68 -38.28
N SER C 326 8.71 -5.34 -39.57
CA SER C 326 7.58 -4.68 -40.23
C SER C 326 6.33 -5.54 -40.16
N GLN C 327 6.46 -6.84 -40.41
CA GLN C 327 5.29 -7.72 -40.33
C GLN C 327 4.76 -7.79 -38.91
N GLU C 328 5.65 -7.77 -37.92
CA GLU C 328 5.21 -7.75 -36.53
C GLU C 328 4.36 -6.52 -36.25
N VAL C 329 4.82 -5.35 -36.71
CA VAL C 329 4.05 -4.13 -36.49
C VAL C 329 2.72 -4.19 -37.23
N LEU C 330 2.73 -4.72 -38.45
CA LEU C 330 1.50 -4.78 -39.24
C LEU C 330 0.48 -5.71 -38.60
N ARG C 331 0.93 -6.83 -38.05
CA ARG C 331 0.01 -7.77 -37.42
C ARG C 331 -0.78 -7.11 -36.30
N HIS C 332 -0.23 -6.05 -35.70
CA HIS C 332 -0.95 -5.32 -34.67
C HIS C 332 -1.74 -4.16 -35.29
N LEU C 333 -1.21 -3.56 -36.34
CA LEU C 333 -1.90 -2.44 -36.98
C LEU C 333 -3.23 -2.88 -37.60
N ARG C 334 -3.23 -4.04 -38.25
CA ARG C 334 -4.45 -4.52 -38.90
C ARG C 334 -5.60 -4.70 -37.91
N GLN C 335 -5.31 -4.83 -36.63
CA GLN C 335 -6.34 -5.03 -35.62
C GLN C 335 -6.95 -3.70 -35.20
N SER D 4 31.76 10.19 0.85
CA SER D 4 30.48 10.72 1.33
C SER D 4 30.57 12.22 1.55
N SER D 5 31.24 12.90 0.63
CA SER D 5 31.39 14.35 0.72
C SER D 5 30.13 15.11 0.33
N LEU D 6 29.18 14.46 -0.33
CA LEU D 6 27.96 15.14 -0.75
C LEU D 6 27.18 15.66 0.44
N HIS D 7 26.88 14.78 1.40
CA HIS D 7 26.09 15.15 2.55
C HIS D 7 26.31 14.12 3.65
N PRO D 8 26.41 14.53 4.91
CA PRO D 8 26.64 13.53 5.97
C PRO D 8 25.55 12.48 6.06
N SER D 9 24.32 12.82 5.65
CA SER D 9 23.20 11.90 5.76
C SER D 9 23.32 10.72 4.79
N ILE D 10 24.25 10.78 3.84
CA ILE D 10 24.42 9.70 2.88
C ILE D 10 25.16 8.55 3.57
N PRO D 11 24.59 7.36 3.63
CA PRO D 11 25.29 6.25 4.31
C PRO D 11 26.43 5.70 3.47
N CYS D 12 27.45 5.22 4.17
CA CYS D 12 28.57 4.59 3.52
C CYS D 12 28.28 3.12 3.27
N PRO D 13 28.97 2.50 2.32
CA PRO D 13 28.75 1.07 2.07
C PRO D 13 29.12 0.23 3.28
N ARG D 14 28.43 -0.89 3.43
CA ARG D 14 28.65 -1.76 4.57
C ARG D 14 30.02 -2.43 4.49
N GLY D 15 30.64 -2.62 5.65
CA GLY D 15 31.95 -3.22 5.72
C GLY D 15 31.94 -4.66 6.18
N HIS D 16 32.78 -4.99 7.15
CA HIS D 16 32.94 -6.37 7.62
C HIS D 16 32.85 -6.45 9.13
N GLY D 17 32.06 -5.58 9.76
CA GLY D 17 31.90 -5.64 11.20
C GLY D 17 31.24 -6.92 11.66
N ALA D 18 30.33 -7.46 10.86
CA ALA D 18 29.66 -8.71 11.25
C ALA D 18 30.66 -9.84 11.37
N GLN D 19 31.64 -9.91 10.47
CA GLN D 19 32.63 -10.98 10.54
C GLN D 19 33.52 -10.83 11.77
N LYS D 20 33.86 -9.60 12.13
CA LYS D 20 34.64 -9.37 13.34
C LYS D 20 33.86 -9.79 14.59
N ALA D 21 32.58 -9.42 14.65
CA ALA D 21 31.74 -9.86 15.75
C ALA D 21 31.65 -11.38 15.79
N ALA D 22 31.57 -12.02 14.63
CA ALA D 22 31.50 -13.47 14.57
C ALA D 22 32.79 -14.09 15.10
N LEU D 23 33.93 -13.51 14.76
CA LEU D 23 35.21 -14.01 15.27
C LEU D 23 35.27 -13.89 16.78
N VAL D 24 34.84 -12.75 17.32
CA VAL D 24 34.80 -12.58 18.77
C VAL D 24 33.89 -13.63 19.41
N LEU D 25 32.72 -13.82 18.82
CA LEU D 25 31.77 -14.80 19.36
C LEU D 25 32.35 -16.20 19.34
N LEU D 26 33.04 -16.57 18.25
CA LEU D 26 33.65 -17.88 18.14
C LEU D 26 34.72 -18.07 19.20
N SER D 27 35.57 -17.07 19.39
CA SER D 27 36.60 -17.18 20.43
C SER D 27 35.96 -17.33 21.81
N ALA D 28 34.92 -16.55 22.09
CA ALA D 28 34.26 -16.65 23.38
C ALA D 28 33.64 -18.02 23.58
N CYS D 29 33.02 -18.57 22.54
CA CYS D 29 32.39 -19.88 22.66
C CYS D 29 33.44 -20.97 22.88
N LEU D 30 34.58 -20.87 22.19
CA LEU D 30 35.64 -21.84 22.42
C LEU D 30 36.16 -21.75 23.86
N VAL D 31 36.34 -20.53 24.37
CA VAL D 31 36.78 -20.36 25.74
C VAL D 31 35.77 -20.97 26.70
N THR D 32 34.48 -20.74 26.44
CA THR D 32 33.44 -21.30 27.30
C THR D 32 33.46 -22.82 27.30
N LEU D 33 33.59 -23.42 26.12
CA LEU D 33 33.65 -24.88 26.03
C LEU D 33 34.86 -25.42 26.75
N TRP D 34 36.00 -24.73 26.64
CA TRP D 34 37.19 -25.13 27.38
C TRP D 34 36.94 -25.06 28.88
N GLY D 35 36.29 -23.99 29.34
CA GLY D 35 36.01 -23.86 30.75
C GLY D 35 35.10 -24.95 31.28
N LEU D 36 34.06 -25.28 30.52
CA LEU D 36 33.14 -26.34 30.95
C LEU D 36 33.84 -27.67 31.10
N GLY D 37 34.98 -27.86 30.44
CA GLY D 37 35.72 -29.10 30.55
C GLY D 37 35.17 -30.26 29.76
N GLU D 38 34.21 -30.02 28.88
CA GLU D 38 33.65 -31.09 28.08
C GLU D 38 34.70 -31.61 27.10
N PRO D 39 34.63 -32.89 26.72
CA PRO D 39 35.60 -33.44 25.78
C PRO D 39 35.39 -32.89 24.38
N PRO D 40 36.46 -32.47 23.70
CA PRO D 40 36.29 -31.88 22.36
C PRO D 40 35.63 -32.82 21.35
N GLU D 41 35.79 -34.13 21.50
CA GLU D 41 35.21 -35.05 20.52
C GLU D 41 33.69 -34.96 20.51
N HIS D 42 33.07 -34.86 21.70
CA HIS D 42 31.63 -34.69 21.75
C HIS D 42 31.21 -33.37 21.10
N THR D 43 31.96 -32.30 21.36
CA THR D 43 31.69 -31.02 20.73
C THR D 43 31.70 -31.14 19.22
N LEU D 44 32.74 -31.78 18.68
CA LEU D 44 32.84 -31.95 17.24
C LEU D 44 31.68 -32.75 16.69
N ARG D 45 31.33 -33.85 17.36
CA ARG D 45 30.21 -34.67 16.90
C ARG D 45 28.93 -33.86 16.82
N TYR D 46 28.61 -33.12 17.89
CA TYR D 46 27.36 -32.39 17.92
C TYR D 46 27.35 -31.24 16.93
N LEU D 47 28.50 -30.58 16.74
CA LEU D 47 28.58 -29.53 15.74
C LEU D 47 28.34 -30.07 14.34
N VAL D 48 28.94 -31.21 14.02
CA VAL D 48 28.72 -31.82 12.71
C VAL D 48 27.27 -32.20 12.53
N LEU D 49 26.64 -32.73 13.59
CA LEU D 49 25.23 -33.08 13.50
C LEU D 49 24.37 -31.85 13.24
N HIS D 50 24.68 -30.74 13.90
CA HIS D 50 23.93 -29.51 13.68
C HIS D 50 24.06 -29.03 12.24
N LEU D 51 25.28 -29.05 11.70
CA LEU D 51 25.48 -28.63 10.32
C LEU D 51 24.72 -29.55 9.37
N ALA D 52 24.71 -30.85 9.66
CA ALA D 52 23.95 -31.79 8.84
C ALA D 52 22.47 -31.46 8.86
N SER D 53 21.94 -31.13 10.04
CA SER D 53 20.53 -30.75 10.13
C SER D 53 20.26 -29.51 9.28
N LEU D 54 21.16 -28.54 9.31
CA LEU D 54 20.99 -27.35 8.48
C LEU D 54 20.96 -27.73 7.00
N GLN D 55 21.85 -28.64 6.58
CA GLN D 55 21.86 -29.06 5.19
C GLN D 55 20.54 -29.73 4.79
N LEU D 56 20.03 -30.59 5.67
CA LEU D 56 18.76 -31.27 5.37
C LEU D 56 17.62 -30.26 5.26
N GLY D 57 17.61 -29.26 6.16
CA GLY D 57 16.60 -28.22 6.06
C GLY D 57 16.69 -27.46 4.75
N LEU D 58 17.92 -27.13 4.33
CA LEU D 58 18.09 -26.47 3.03
C LEU D 58 17.54 -27.33 1.90
N LEU D 59 17.81 -28.63 1.95
CA LEU D 59 17.31 -29.53 0.91
C LEU D 59 15.78 -29.51 0.86
N LEU D 60 15.14 -29.60 2.02
CA LEU D 60 13.68 -29.65 2.05
C LEU D 60 13.07 -28.34 1.54
N ASN D 61 13.62 -27.20 2.00
CA ASN D 61 13.12 -25.92 1.53
C ASN D 61 13.33 -25.77 0.02
N GLY D 62 14.46 -26.27 -0.49
CA GLY D 62 14.70 -26.20 -1.91
C GLY D 62 13.72 -27.03 -2.71
N VAL D 63 13.36 -28.20 -2.18
CA VAL D 63 12.33 -29.01 -2.84
C VAL D 63 11.01 -28.26 -2.87
N CYS D 64 10.64 -27.65 -1.74
CA CYS D 64 9.39 -26.90 -1.70
C CYS D 64 9.39 -25.76 -2.72
N SER D 65 10.52 -25.06 -2.85
CA SER D 65 10.61 -23.97 -3.82
C SER D 65 10.63 -24.51 -5.25
N LEU D 66 11.22 -25.68 -5.47
CA LEU D 66 11.21 -26.30 -6.78
C LEU D 66 9.79 -26.60 -7.23
N ALA D 67 8.94 -26.99 -6.28
CA ALA D 67 7.55 -27.26 -6.61
C ALA D 67 6.90 -26.07 -7.30
N GLU D 68 7.37 -24.85 -7.02
CA GLU D 68 6.87 -23.65 -7.67
C GLU D 68 7.66 -23.32 -8.92
N GLU D 69 8.99 -23.38 -8.85
CA GLU D 69 9.82 -22.97 -9.98
C GLU D 69 9.64 -23.86 -11.20
N LEU D 70 9.21 -25.11 -11.01
CA LEU D 70 8.95 -25.96 -12.16
C LEU D 70 7.85 -25.39 -13.05
N ARG D 71 7.01 -24.50 -12.51
CA ARG D 71 5.99 -23.86 -13.33
C ARG D 71 6.60 -22.83 -14.27
N HIS D 72 7.53 -22.02 -13.77
CA HIS D 72 8.21 -21.01 -14.56
C HIS D 72 9.45 -21.56 -15.25
N ILE D 73 9.64 -22.86 -15.23
CA ILE D 73 10.76 -23.48 -15.93
C ILE D 73 10.93 -22.89 -17.32
N HIS D 74 9.88 -22.93 -18.14
CA HIS D 74 10.03 -22.52 -19.54
C HIS D 74 10.32 -21.03 -19.66
N SER D 75 9.65 -20.21 -18.86
CA SER D 75 9.69 -18.77 -19.02
C SER D 75 10.87 -18.11 -18.30
N ARG D 76 11.57 -18.82 -17.43
CA ARG D 76 12.63 -18.21 -16.64
C ARG D 76 13.87 -19.07 -16.51
N TYR D 77 13.90 -20.28 -17.06
CA TYR D 77 15.06 -21.15 -16.94
C TYR D 77 15.38 -21.88 -18.24
N ARG D 78 14.78 -21.48 -19.36
CA ARG D 78 15.13 -21.99 -20.69
C ARG D 78 14.87 -23.50 -20.80
N GLY D 79 13.80 -23.97 -20.16
CA GLY D 79 13.39 -25.35 -20.34
C GLY D 79 14.39 -26.39 -19.87
N SER D 80 15.29 -26.03 -18.97
CA SER D 80 16.26 -26.97 -18.42
C SER D 80 15.95 -27.18 -16.94
N TYR D 81 15.69 -28.44 -16.58
CA TYR D 81 15.43 -28.76 -15.18
C TYR D 81 16.66 -28.52 -14.31
N TRP D 82 17.85 -28.69 -14.88
CA TRP D 82 19.07 -28.53 -14.11
C TRP D 82 19.24 -27.08 -13.65
N ARG D 83 18.85 -26.12 -14.48
CA ARG D 83 18.92 -24.72 -14.07
C ARG D 83 17.94 -24.45 -12.92
N THR D 84 16.74 -25.02 -12.99
CA THR D 84 15.79 -24.85 -11.90
C THR D 84 16.35 -25.44 -10.61
N VAL D 85 16.95 -26.62 -10.69
CA VAL D 85 17.53 -27.24 -9.51
C VAL D 85 18.66 -26.39 -8.95
N ARG D 86 19.53 -25.87 -9.83
CA ARG D 86 20.63 -25.03 -9.37
C ARG D 86 20.13 -23.73 -8.76
N ALA D 87 18.99 -23.23 -9.22
CA ALA D 87 18.42 -22.02 -8.64
C ALA D 87 17.75 -22.28 -7.30
N CYS D 88 17.16 -23.46 -7.13
CA CYS D 88 16.48 -23.80 -5.88
C CYS D 88 17.42 -24.37 -4.82
N LEU D 89 18.61 -24.83 -5.21
CA LEU D 89 19.50 -25.50 -4.27
C LEU D 89 20.95 -25.06 -4.36
N GLY D 90 21.37 -24.35 -5.39
CA GLY D 90 22.77 -24.06 -5.58
C GLY D 90 23.46 -25.17 -6.37
N CYS D 91 24.78 -25.16 -6.31
CA CYS D 91 25.56 -26.14 -7.05
C CYS D 91 25.14 -27.55 -6.63
N PRO D 92 24.50 -28.32 -7.51
CA PRO D 92 24.04 -29.66 -7.10
C PRO D 92 25.16 -30.57 -6.63
N LEU D 93 26.36 -30.43 -7.17
CA LEU D 93 27.46 -31.29 -6.77
C LEU D 93 27.82 -31.07 -5.31
N ARG D 94 28.02 -29.81 -4.92
CA ARG D 94 28.36 -29.51 -3.54
C ARG D 94 27.25 -29.94 -2.60
N ARG D 95 26.00 -29.69 -2.98
CA ARG D 95 24.88 -30.07 -2.12
C ARG D 95 24.81 -31.57 -1.95
N GLY D 96 25.00 -32.32 -3.03
CA GLY D 96 24.98 -33.77 -2.93
C GLY D 96 26.11 -34.30 -2.07
N ALA D 97 27.30 -33.75 -2.23
CA ALA D 97 28.42 -34.16 -1.39
C ALA D 97 28.12 -33.92 0.08
N LEU D 98 27.60 -32.73 0.39
CA LEU D 98 27.30 -32.41 1.77
C LEU D 98 26.20 -33.32 2.33
N LEU D 99 25.20 -33.64 1.52
CA LEU D 99 24.15 -34.54 1.96
C LEU D 99 24.69 -35.94 2.23
N LEU D 100 25.55 -36.44 1.35
CA LEU D 100 26.15 -37.74 1.57
C LEU D 100 26.96 -37.76 2.86
N LEU D 101 27.77 -36.72 3.09
CA LEU D 101 28.54 -36.65 4.31
C LEU D 101 27.63 -36.60 5.53
N SER D 102 26.54 -35.83 5.43
CA SER D 102 25.60 -35.73 6.55
C SER D 102 25.01 -37.08 6.87
N ILE D 103 24.55 -37.81 5.85
CA ILE D 103 23.98 -39.14 6.07
C ILE D 103 25.00 -40.05 6.71
N TYR D 104 26.22 -40.07 6.17
CA TYR D 104 27.25 -40.96 6.67
C TYR D 104 27.53 -40.69 8.14
N PHE D 105 27.74 -39.42 8.49
CA PHE D 105 28.11 -39.07 9.85
C PHE D 105 26.93 -39.04 10.81
N TYR D 106 25.70 -39.10 10.30
CA TYR D 106 24.55 -39.27 11.19
C TYR D 106 24.29 -40.74 11.49
N TYR D 107 24.36 -41.60 10.48
CA TYR D 107 24.16 -43.02 10.71
C TYR D 107 25.35 -43.68 11.42
N SER D 108 26.56 -43.17 11.21
CA SER D 108 27.74 -43.77 11.82
C SER D 108 28.00 -43.27 13.23
N LEU D 109 27.27 -42.26 13.69
CA LEU D 109 27.53 -41.71 15.01
C LEU D 109 26.34 -41.95 15.94
N PRO D 110 26.58 -42.07 17.25
CA PRO D 110 25.49 -42.28 18.22
C PRO D 110 24.67 -41.02 18.47
N PRO D 116 18.19 -42.61 15.78
CA PRO D 116 17.73 -42.95 14.43
C PRO D 116 17.88 -41.80 13.45
N PHE D 117 17.55 -42.02 12.18
CA PHE D 117 17.74 -41.03 11.13
C PHE D 117 16.42 -40.58 10.51
N THR D 118 15.55 -41.52 10.14
CA THR D 118 14.29 -41.17 9.51
C THR D 118 13.43 -40.34 10.46
N TRP D 119 13.50 -40.62 11.76
CA TRP D 119 12.71 -39.87 12.73
C TRP D 119 13.12 -38.41 12.76
N MET D 120 14.43 -38.14 12.81
CA MET D 120 14.89 -36.77 12.82
C MET D 120 14.66 -36.10 11.47
N LEU D 121 14.74 -36.86 10.39
CA LEU D 121 14.38 -36.32 9.08
C LEU D 121 12.94 -35.85 9.07
N ALA D 122 12.03 -36.65 9.64
CA ALA D 122 10.63 -36.27 9.71
C ALA D 122 10.45 -35.04 10.58
N LEU D 123 11.16 -34.97 11.72
CA LEU D 123 11.06 -33.77 12.56
C LEU D 123 11.52 -32.53 11.82
N LEU D 124 12.64 -32.62 11.11
CA LEU D 124 13.14 -31.47 10.37
C LEU D 124 12.20 -31.07 9.26
N GLY D 125 11.61 -32.04 8.56
CA GLY D 125 10.62 -31.72 7.56
C GLY D 125 9.41 -31.03 8.16
N LEU D 126 8.97 -31.50 9.31
CA LEU D 126 7.86 -30.86 10.02
C LEU D 126 8.20 -29.40 10.34
N SER D 127 9.39 -29.17 10.87
CA SER D 127 9.79 -27.82 11.23
C SER D 127 9.86 -26.92 9.99
N GLN D 128 10.44 -27.42 8.90
CA GLN D 128 10.56 -26.62 7.70
C GLN D 128 9.20 -26.30 7.11
N ALA D 129 8.31 -27.28 7.05
CA ALA D 129 6.96 -27.04 6.54
C ALA D 129 6.24 -26.02 7.41
N LEU D 130 6.43 -26.11 8.73
CA LEU D 130 5.80 -25.15 9.63
C LEU D 130 6.32 -23.75 9.37
N ASN D 131 7.64 -23.61 9.20
CA ASN D 131 8.19 -22.28 8.92
C ASN D 131 7.68 -21.73 7.60
N ILE D 132 7.54 -22.59 6.59
CA ILE D 132 7.08 -22.13 5.29
C ILE D 132 5.62 -21.69 5.36
N LEU D 133 4.77 -22.52 5.98
CA LEU D 133 3.34 -22.24 6.00
C LEU D 133 3.02 -20.99 6.82
N LEU D 134 3.72 -20.81 7.93
CA LEU D 134 3.46 -19.68 8.82
C LEU D 134 4.20 -18.41 8.40
N GLY D 135 4.94 -18.45 7.29
CA GLY D 135 5.64 -17.26 6.82
C GLY D 135 6.73 -16.78 7.74
N LEU D 136 7.56 -17.70 8.24
CA LEU D 136 8.65 -17.36 9.16
C LEU D 136 9.99 -17.24 8.46
N LYS D 137 10.03 -17.37 7.14
CA LYS D 137 11.28 -17.27 6.38
C LYS D 137 11.68 -15.83 6.08
N GLY D 138 10.84 -14.85 6.42
CA GLY D 138 11.14 -13.47 6.14
C GLY D 138 12.45 -13.02 6.75
N LEU D 139 13.31 -12.42 5.93
CA LEU D 139 14.58 -11.89 6.41
C LEU D 139 14.37 -10.57 7.13
N ALA D 140 15.34 -10.22 7.96
CA ALA D 140 15.31 -8.94 8.63
C ALA D 140 15.62 -7.82 7.63
N PRO D 141 15.13 -6.61 7.87
CA PRO D 141 15.35 -5.54 6.89
C PRO D 141 16.81 -5.28 6.57
N ALA D 142 17.69 -5.38 7.57
CA ALA D 142 19.10 -5.10 7.34
C ALA D 142 19.72 -6.12 6.40
N GLU D 143 19.38 -7.41 6.56
CA GLU D 143 19.90 -8.42 5.67
C GLU D 143 19.42 -8.19 4.24
N ILE D 144 18.15 -7.83 4.07
CA ILE D 144 17.62 -7.55 2.75
C ILE D 144 18.34 -6.37 2.13
N SER D 145 18.58 -5.32 2.91
CA SER D 145 19.27 -4.15 2.39
C SER D 145 20.69 -4.50 1.97
N ALA D 146 21.38 -5.30 2.78
CA ALA D 146 22.74 -5.71 2.44
C ALA D 146 22.75 -6.53 1.16
N VAL D 147 21.80 -7.46 1.03
CA VAL D 147 21.73 -8.28 -0.18
C VAL D 147 21.49 -7.41 -1.40
N CYS D 148 20.56 -6.47 -1.29
CA CYS D 148 20.23 -5.63 -2.43
C CYS D 148 21.39 -4.73 -2.82
N GLU D 149 22.06 -4.12 -1.83
CA GLU D 149 23.20 -3.26 -2.15
C GLU D 149 24.35 -4.06 -2.76
N LYS D 150 24.64 -5.24 -2.21
CA LYS D 150 25.70 -6.05 -2.76
C LYS D 150 25.39 -6.51 -4.18
N GLY D 151 24.17 -6.98 -4.40
CA GLY D 151 23.73 -7.42 -5.71
C GLY D 151 23.14 -6.36 -6.59
N ASN D 152 23.04 -5.12 -6.09
CA ASN D 152 22.49 -4.01 -6.86
C ASN D 152 21.06 -4.30 -7.32
N PHE D 153 20.21 -4.58 -6.34
CA PHE D 153 18.79 -4.85 -6.57
C PHE D 153 17.92 -3.67 -6.15
N ASN D 154 18.38 -2.45 -6.39
CA ASN D 154 17.67 -1.24 -6.02
C ASN D 154 17.25 -0.48 -7.27
N VAL D 155 16.16 0.28 -7.16
CA VAL D 155 15.70 1.09 -8.27
C VAL D 155 16.65 2.26 -8.50
N ALA D 156 17.27 2.76 -7.43
CA ALA D 156 18.17 3.90 -7.56
C ALA D 156 19.33 3.59 -8.47
N HIS D 157 19.83 2.35 -8.44
CA HIS D 157 20.90 1.94 -9.34
C HIS D 157 20.51 2.19 -10.79
N GLY D 158 19.37 1.65 -11.19
CA GLY D 158 18.92 1.82 -12.57
C GLY D 158 18.62 3.27 -12.91
N LEU D 159 18.02 4.00 -11.97
CA LEU D 159 17.71 5.40 -12.23
C LEU D 159 18.99 6.21 -12.47
N ALA D 160 20.00 6.00 -11.63
CA ALA D 160 21.25 6.73 -11.79
C ALA D 160 21.95 6.36 -13.08
N TRP D 161 21.98 5.07 -13.42
CA TRP D 161 22.65 4.67 -14.65
C TRP D 161 21.90 5.17 -15.88
N SER D 162 20.57 5.21 -15.82
CA SER D 162 19.80 5.79 -16.91
C SER D 162 20.07 7.28 -17.04
N TYR D 163 20.17 7.98 -15.91
CA TYR D 163 20.45 9.41 -15.95
C TYR D 163 21.82 9.67 -16.56
N TYR D 164 22.80 8.84 -16.23
CA TYR D 164 24.14 9.03 -16.79
C TYR D 164 24.18 8.68 -18.27
N ILE D 165 23.51 7.61 -18.67
CA ILE D 165 23.66 7.08 -20.02
C ILE D 165 22.79 7.84 -21.02
N GLY D 166 21.64 8.32 -20.58
CA GLY D 166 20.71 8.97 -21.49
C GLY D 166 20.88 10.46 -21.58
N TYR D 167 21.35 11.09 -20.51
CA TYR D 167 21.43 12.55 -20.45
C TYR D 167 22.85 13.06 -20.33
N LEU D 168 23.58 12.68 -19.27
CA LEU D 168 24.87 13.31 -19.01
C LEU D 168 25.91 12.89 -20.04
N ARG D 169 25.97 11.60 -20.35
CA ARG D 169 26.95 11.10 -21.30
C ARG D 169 26.81 11.73 -22.67
N LEU D 170 25.66 12.33 -22.96
CA LEU D 170 25.40 12.99 -24.24
C LEU D 170 25.44 14.51 -24.15
N ILE D 171 25.48 15.06 -22.94
CA ILE D 171 25.36 16.50 -22.73
C ILE D 171 26.67 17.11 -22.26
N LEU D 172 27.37 16.46 -21.34
CA LEU D 172 28.58 17.05 -20.79
C LEU D 172 29.65 17.29 -21.85
N PRO D 173 29.92 16.37 -22.78
CA PRO D 173 31.00 16.62 -23.75
C PRO D 173 30.79 17.88 -24.59
N GLU D 174 29.54 18.18 -24.95
CA GLU D 174 29.23 19.30 -25.82
C GLU D 174 28.77 20.53 -25.06
N LEU D 175 28.90 20.54 -23.73
CA LEU D 175 28.36 21.64 -22.94
C LEU D 175 29.18 22.91 -23.12
N GLN D 176 30.51 22.79 -23.08
CA GLN D 176 31.37 23.97 -23.17
C GLN D 176 31.20 24.68 -24.51
N ALA D 177 31.02 23.92 -25.58
CA ALA D 177 30.80 24.53 -26.88
C ALA D 177 29.55 25.40 -26.87
N ARG D 178 28.44 24.85 -26.36
CA ARG D 178 27.20 25.61 -26.29
C ARG D 178 27.37 26.84 -25.41
N ILE D 179 28.07 26.69 -24.28
CA ILE D 179 28.23 27.81 -23.36
C ILE D 179 29.03 28.93 -24.00
N ARG D 180 30.15 28.59 -24.64
CA ARG D 180 30.96 29.62 -25.29
C ARG D 180 30.21 30.26 -26.45
N THR D 181 29.42 29.47 -27.19
CA THR D 181 28.61 30.03 -28.26
C THR D 181 27.62 31.04 -27.71
N TYR D 182 26.96 30.71 -26.60
CA TYR D 182 26.03 31.66 -25.99
C TYR D 182 26.77 32.91 -25.52
N ASN D 183 27.96 32.74 -24.95
CA ASN D 183 28.71 33.89 -24.47
C ASN D 183 29.07 34.82 -25.63
N GLN D 184 29.59 34.27 -26.73
CA GLN D 184 29.92 35.09 -27.88
C GLN D 184 28.68 35.78 -28.44
N HIS D 185 27.58 35.03 -28.57
CA HIS D 185 26.35 35.60 -29.09
C HIS D 185 25.66 36.53 -28.08
N TYR D 186 26.16 36.60 -26.85
CA TYR D 186 25.56 37.46 -25.84
C TYR D 186 26.47 37.56 -24.62
N GLY D 192 26.44 37.66 -21.24
CA GLY D 192 26.40 36.89 -20.01
C GLY D 192 27.65 36.07 -19.79
N ALA D 193 28.18 36.12 -18.57
CA ALA D 193 29.37 35.37 -18.18
C ALA D 193 28.91 34.23 -17.28
N VAL D 194 28.55 33.11 -17.90
CA VAL D 194 28.07 31.93 -17.19
C VAL D 194 29.23 30.96 -17.00
N SER D 195 29.26 30.30 -15.85
CA SER D 195 30.31 29.35 -15.56
C SER D 195 30.27 28.19 -16.55
N GLN D 196 31.41 27.52 -16.70
CA GLN D 196 31.58 26.45 -17.67
C GLN D 196 31.20 25.09 -17.10
N ARG D 197 30.28 25.04 -16.15
CA ARG D 197 29.96 23.81 -15.43
C ARG D 197 28.45 23.65 -15.30
N LEU D 198 27.99 22.41 -15.33
CA LEU D 198 26.58 22.10 -15.15
C LEU D 198 26.30 21.81 -13.69
N TYR D 199 25.23 22.40 -13.16
CA TYR D 199 24.89 22.28 -11.75
C TYR D 199 23.58 21.52 -11.59
N ILE D 200 23.64 20.45 -10.79
CA ILE D 200 22.53 19.52 -10.62
C ILE D 200 22.14 19.51 -9.14
N LEU D 201 20.87 19.73 -8.88
CA LEU D 201 20.35 19.76 -7.52
C LEU D 201 19.80 18.40 -7.13
N LEU D 202 20.11 17.97 -5.92
CA LEU D 202 19.76 16.65 -5.42
C LEU D 202 19.02 16.80 -4.10
N PRO D 203 17.75 17.20 -4.14
CA PRO D 203 16.94 17.27 -2.92
C PRO D 203 16.62 15.86 -2.41
N LEU D 204 17.01 15.60 -1.16
CA LEU D 204 16.76 14.28 -0.59
C LEU D 204 15.31 14.07 -0.21
N ASP D 205 14.53 15.14 -0.10
CA ASP D 205 13.09 15.04 0.13
C ASP D 205 12.31 14.80 -1.15
N CYS D 206 12.98 14.83 -2.31
CA CYS D 206 12.34 14.54 -3.59
C CYS D 206 11.26 15.56 -3.94
N GLY D 207 11.46 16.82 -3.56
CA GLY D 207 10.52 17.86 -3.90
C GLY D 207 10.41 18.09 -5.40
N VAL D 208 11.46 18.65 -5.98
CA VAL D 208 11.57 18.80 -7.43
C VAL D 208 10.38 19.58 -7.96
N PRO D 209 10.29 20.88 -7.71
CA PRO D 209 9.27 21.70 -8.38
C PRO D 209 9.62 21.95 -9.83
N ASP D 210 8.59 22.28 -10.62
CA ASP D 210 8.80 22.54 -12.03
C ASP D 210 9.44 23.90 -12.26
N ASN D 211 9.17 24.87 -11.40
CA ASN D 211 9.73 26.21 -11.51
C ASN D 211 10.68 26.46 -10.34
N LEU D 212 11.92 26.83 -10.66
CA LEU D 212 12.90 27.07 -9.62
C LEU D 212 12.61 28.37 -8.86
N SER D 213 12.18 29.41 -9.57
CA SER D 213 11.85 30.67 -8.91
C SER D 213 10.80 30.46 -7.83
N MET D 214 9.90 29.50 -8.03
CA MET D 214 8.91 29.19 -7.01
C MET D 214 9.58 28.70 -5.73
N ALA D 215 10.58 27.83 -5.87
CA ALA D 215 11.28 27.33 -4.69
C ALA D 215 12.03 28.45 -3.98
N ASP D 216 12.66 29.35 -4.73
CA ASP D 216 13.40 30.46 -4.15
C ASP D 216 13.24 31.66 -5.09
N PRO D 217 12.77 32.80 -4.60
CA PRO D 217 12.62 33.97 -5.48
C PRO D 217 13.92 34.45 -6.07
N ASN D 218 15.04 34.25 -5.36
CA ASN D 218 16.33 34.71 -5.85
C ASN D 218 16.80 33.97 -7.09
N ILE D 219 16.14 32.87 -7.46
CA ILE D 219 16.47 32.12 -8.65
C ILE D 219 15.54 32.59 -9.77
N ARG D 220 16.11 33.14 -10.84
CA ARG D 220 15.32 33.70 -11.92
C ARG D 220 15.91 33.30 -13.26
N PHE D 221 15.03 33.11 -14.24
CA PHE D 221 15.45 32.67 -15.56
C PHE D 221 16.02 33.85 -16.36
N LEU D 222 17.03 33.54 -17.18
CA LEU D 222 17.63 34.52 -18.08
C LEU D 222 17.41 34.17 -19.54
N ASP D 223 17.84 32.98 -19.97
CA ASP D 223 17.79 32.59 -21.36
C ASP D 223 18.12 31.11 -21.46
N LYS D 224 17.85 30.53 -22.62
CA LYS D 224 18.13 29.13 -22.86
C LYS D 224 19.41 28.98 -23.67
N LEU D 225 20.22 27.99 -23.31
CA LEU D 225 21.40 27.65 -24.10
C LEU D 225 20.98 27.20 -25.48
N PRO D 226 21.89 27.17 -26.45
CA PRO D 226 21.56 26.59 -27.75
C PRO D 226 21.14 25.13 -27.59
N GLN D 227 20.11 24.74 -28.34
CA GLN D 227 19.60 23.39 -28.25
C GLN D 227 20.60 22.39 -28.82
N GLN D 228 20.65 21.21 -28.21
CA GLN D 228 21.41 20.09 -28.72
C GLN D 228 20.45 19.09 -29.35
N THR D 229 20.90 18.44 -30.42
CA THR D 229 20.03 17.58 -31.19
C THR D 229 20.73 16.25 -31.47
N GLY D 230 19.93 15.19 -31.52
CA GLY D 230 20.43 13.88 -31.83
C GLY D 230 19.34 12.86 -32.04
N ASP D 231 19.64 11.80 -32.79
CA ASP D 231 18.68 10.73 -32.99
C ASP D 231 18.79 9.69 -31.89
N ARG D 232 17.65 9.25 -31.39
CA ARG D 232 17.62 8.34 -30.25
C ARG D 232 16.39 7.43 -30.36
N ALA D 233 16.65 6.12 -30.37
CA ALA D 233 15.59 5.12 -30.26
C ALA D 233 14.50 5.34 -31.29
N GLY D 234 14.91 5.64 -32.52
CA GLY D 234 14.00 5.89 -33.61
C GLY D 234 13.53 7.32 -33.71
N ILE D 235 13.39 8.01 -32.59
CA ILE D 235 13.02 9.42 -32.58
C ILE D 235 14.22 10.22 -33.04
N LYS D 236 14.15 10.78 -34.24
CA LYS D 236 15.23 11.59 -34.77
C LYS D 236 14.99 13.06 -34.47
N ASP D 237 16.08 13.82 -34.45
CA ASP D 237 16.03 15.23 -34.10
C ASP D 237 15.48 15.42 -32.69
N ARG D 238 15.71 14.45 -31.82
CA ARG D 238 15.37 14.62 -30.42
C ARG D 238 16.28 15.70 -29.82
N VAL D 239 15.68 16.56 -29.00
CA VAL D 239 16.30 17.81 -28.59
C VAL D 239 16.50 17.79 -27.08
N TYR D 240 17.71 18.11 -26.66
CA TYR D 240 18.04 18.35 -25.26
C TYR D 240 18.32 19.84 -25.08
N SER D 241 17.63 20.44 -24.11
CA SER D 241 17.72 21.87 -23.86
C SER D 241 18.06 22.10 -22.40
N ASN D 242 18.88 23.11 -22.14
CA ASN D 242 19.24 23.52 -20.80
C ASN D 242 18.94 25.00 -20.64
N SER D 243 18.75 25.42 -19.38
CA SER D 243 18.32 26.76 -19.06
C SER D 243 19.35 27.44 -18.16
N ILE D 244 19.64 28.70 -18.46
CA ILE D 244 20.50 29.50 -17.60
C ILE D 244 19.66 30.15 -16.52
N TYR D 245 20.26 30.38 -15.35
CA TYR D 245 19.57 30.94 -14.22
C TYR D 245 20.47 31.94 -13.51
N GLU D 246 19.83 32.94 -12.92
CA GLU D 246 20.53 34.03 -12.24
C GLU D 246 20.35 33.86 -10.74
N LEU D 247 21.46 33.90 -10.02
CA LEU D 247 21.48 33.79 -8.57
C LEU D 247 21.69 35.18 -7.99
N LEU D 248 20.73 35.65 -7.21
CA LEU D 248 20.74 36.98 -6.64
C LEU D 248 21.14 36.95 -5.17
N GLU D 249 21.65 38.09 -4.71
CA GLU D 249 22.03 38.25 -3.30
C GLU D 249 21.84 39.72 -2.94
N ASN D 250 20.87 39.98 -2.06
CA ASN D 250 20.53 41.35 -1.67
C ASN D 250 20.05 42.16 -2.87
N GLY D 251 19.24 41.52 -3.71
CA GLY D 251 18.69 42.19 -4.87
C GLY D 251 19.66 42.48 -5.98
N GLN D 252 20.85 41.87 -5.94
CA GLN D 252 21.87 42.10 -6.95
C GLN D 252 22.32 40.78 -7.54
N ARG D 253 22.74 40.83 -8.81
CA ARG D 253 23.17 39.65 -9.53
C ARG D 253 24.46 39.14 -8.90
N ALA D 254 24.36 38.04 -8.15
CA ALA D 254 25.53 37.42 -7.55
C ALA D 254 26.21 36.44 -8.50
N GLY D 255 25.44 35.76 -9.34
CA GLY D 255 26.05 34.83 -10.29
C GLY D 255 25.07 34.39 -11.34
N THR D 256 25.59 33.62 -12.31
CA THR D 256 24.79 33.00 -13.34
C THR D 256 25.31 31.60 -13.60
N CYS D 257 24.40 30.65 -13.79
CA CYS D 257 24.84 29.27 -13.94
C CYS D 257 23.79 28.46 -14.68
N VAL D 258 24.23 27.35 -15.24
CA VAL D 258 23.34 26.35 -15.81
C VAL D 258 22.91 25.43 -14.66
N LEU D 259 21.63 25.46 -14.33
CA LEU D 259 21.12 24.83 -13.13
C LEU D 259 19.92 23.97 -13.47
N GLU D 260 19.82 22.80 -12.85
CA GLU D 260 18.67 21.95 -13.08
C GLU D 260 18.52 20.95 -11.94
N TYR D 261 17.30 20.49 -11.73
CA TYR D 261 17.03 19.41 -10.80
C TYR D 261 17.31 18.06 -11.46
N ALA D 262 17.55 17.07 -10.62
CA ALA D 262 17.69 15.69 -11.09
C ALA D 262 16.30 15.10 -11.28
N THR D 263 15.91 14.92 -12.54
CA THR D 263 14.55 14.48 -12.83
C THR D 263 14.17 13.16 -12.16
N PRO D 264 15.04 12.15 -12.09
CA PRO D 264 14.61 10.86 -11.53
C PRO D 264 14.03 10.97 -10.14
N LEU D 265 14.51 11.91 -9.32
CA LEU D 265 13.94 12.08 -7.98
C LEU D 265 12.43 12.29 -8.06
N GLN D 266 11.99 13.15 -8.97
CA GLN D 266 10.57 13.31 -9.23
C GLN D 266 9.88 11.95 -9.30
N THR D 267 10.39 11.08 -10.17
CA THR D 267 9.80 9.75 -10.32
C THR D 267 9.65 9.08 -8.96
N LEU D 268 10.73 9.05 -8.18
CA LEU D 268 10.66 8.44 -6.85
C LEU D 268 9.47 8.99 -6.07
N PHE D 269 9.35 10.31 -6.01
CA PHE D 269 8.23 10.91 -5.31
C PHE D 269 6.91 10.37 -5.84
N ALA D 270 6.76 10.38 -7.17
CA ALA D 270 5.53 9.87 -7.77
C ALA D 270 5.32 8.40 -7.43
N MET D 271 6.41 7.63 -7.33
CA MET D 271 6.27 6.23 -6.97
C MET D 271 5.83 6.05 -5.53
N SER D 272 6.11 7.03 -4.66
CA SER D 272 5.69 6.96 -3.27
C SER D 272 4.23 7.36 -3.08
N GLN D 273 3.58 7.87 -4.11
CA GLN D 273 2.17 8.25 -4.04
C GLN D 273 1.25 7.17 -4.61
N TYR D 274 1.58 6.63 -5.79
CA TYR D 274 0.79 5.56 -6.39
C TYR D 274 0.89 4.30 -5.55
N SER D 275 -0.25 3.67 -5.31
CA SER D 275 -0.27 2.44 -4.51
C SER D 275 0.16 1.23 -5.33
N GLN D 276 0.00 1.30 -6.66
CA GLN D 276 0.37 0.18 -7.52
C GLN D 276 1.87 -0.07 -7.55
N ALA D 277 2.68 0.86 -7.03
CA ALA D 277 4.12 0.73 -7.09
C ALA D 277 4.70 0.04 -5.87
N GLY D 278 3.98 -0.03 -4.76
CA GLY D 278 4.50 -0.65 -3.56
C GLY D 278 5.75 0.03 -3.07
N PHE D 279 5.72 1.35 -3.01
CA PHE D 279 6.88 2.16 -2.67
C PHE D 279 6.48 3.13 -1.56
N SER D 280 7.23 3.12 -0.46
CA SER D 280 6.92 3.92 0.71
C SER D 280 7.84 5.14 0.77
N ARG D 281 7.62 5.97 1.80
CA ARG D 281 8.41 7.18 1.97
C ARG D 281 9.80 6.90 2.51
N GLU D 282 9.92 5.94 3.43
CA GLU D 282 11.23 5.55 3.90
C GLU D 282 12.06 4.96 2.77
N ASP D 283 11.44 4.10 1.97
CA ASP D 283 12.10 3.59 0.78
C ASP D 283 12.47 4.73 -0.15
N ARG D 284 11.61 5.75 -0.25
CA ARG D 284 11.90 6.90 -1.11
C ARG D 284 13.17 7.59 -0.66
N LEU D 285 13.29 7.87 0.63
CA LEU D 285 14.47 8.57 1.15
C LEU D 285 15.72 7.72 0.96
N GLU D 286 15.63 6.43 1.30
CA GLU D 286 16.80 5.56 1.16
C GLU D 286 17.24 5.47 -0.29
N GLN D 287 16.29 5.34 -1.22
CA GLN D 287 16.65 5.24 -2.62
C GLN D 287 17.17 6.57 -3.16
N ALA D 288 16.71 7.70 -2.63
CA ALA D 288 17.28 8.98 -3.02
C ALA D 288 18.74 9.06 -2.62
N LYS D 289 19.04 8.68 -1.38
CA LYS D 289 20.44 8.68 -0.94
C LYS D 289 21.28 7.74 -1.81
N LEU D 290 20.75 6.56 -2.09
CA LEU D 290 21.48 5.59 -2.91
C LEU D 290 21.71 6.13 -4.32
N PHE D 291 20.71 6.78 -4.89
CA PHE D 291 20.85 7.39 -6.20
C PHE D 291 21.97 8.41 -6.20
N CYS D 292 21.98 9.29 -5.19
CA CYS D 292 23.01 10.31 -5.13
C CYS D 292 24.40 9.68 -5.03
N ARG D 293 24.56 8.68 -4.16
CA ARG D 293 25.86 8.05 -4.00
C ARG D 293 26.31 7.35 -5.28
N THR D 294 25.40 6.60 -5.91
CA THR D 294 25.75 5.91 -7.14
C THR D 294 26.15 6.88 -8.24
N LEU D 295 25.41 7.97 -8.37
CA LEU D 295 25.75 8.97 -9.38
C LEU D 295 27.11 9.60 -9.09
N GLU D 296 27.38 9.88 -7.82
CA GLU D 296 28.68 10.43 -7.45
C GLU D 296 29.80 9.49 -7.87
N ASP D 297 29.64 8.20 -7.58
CA ASP D 297 30.68 7.23 -7.96
C ASP D 297 30.84 7.17 -9.48
N ILE D 298 29.73 7.10 -10.21
CA ILE D 298 29.80 7.04 -11.67
C ILE D 298 30.56 8.25 -12.20
N LEU D 299 30.22 9.44 -11.73
CA LEU D 299 30.89 10.64 -12.23
C LEU D 299 32.36 10.66 -11.84
N ALA D 300 32.68 10.15 -10.66
CA ALA D 300 34.09 10.09 -10.25
C ALA D 300 34.89 9.19 -11.18
N ASP D 301 34.29 8.07 -11.61
CA ASP D 301 35.00 7.15 -12.49
C ASP D 301 34.86 7.50 -13.97
N ALA D 302 33.88 8.32 -14.32
CA ALA D 302 33.61 8.56 -15.73
C ALA D 302 34.64 9.54 -16.32
N PRO D 303 35.03 9.38 -17.58
CA PRO D 303 35.92 10.36 -18.21
C PRO D 303 35.22 11.62 -18.69
N GLU D 304 33.91 11.55 -18.94
CA GLU D 304 33.21 12.75 -19.41
C GLU D 304 33.22 13.85 -18.37
N SER D 305 33.13 13.47 -17.09
CA SER D 305 33.09 14.46 -16.02
C SER D 305 34.45 15.09 -15.80
N GLN D 306 34.93 15.85 -16.79
CA GLN D 306 36.16 16.62 -16.66
C GLN D 306 35.83 17.97 -16.02
N ASN D 307 35.49 17.89 -14.73
CA ASN D 307 35.04 19.05 -13.96
C ASN D 307 33.91 19.80 -14.64
N ASN D 308 33.14 19.12 -15.47
CA ASN D 308 32.03 19.72 -16.20
C ASN D 308 30.71 19.65 -15.44
N CYS D 309 30.69 19.04 -14.25
CA CYS D 309 29.45 18.88 -13.51
C CYS D 309 29.74 19.01 -12.03
N ARG D 310 28.75 19.51 -11.29
CA ARG D 310 28.80 19.59 -9.84
C ARG D 310 27.47 19.16 -9.26
N LEU D 311 27.52 18.28 -8.28
CA LEU D 311 26.33 17.76 -7.61
C LEU D 311 26.11 18.51 -6.31
N ILE D 312 24.87 18.97 -6.10
CA ILE D 312 24.49 19.69 -4.91
C ILE D 312 23.37 18.90 -4.23
N ALA D 313 23.67 18.32 -3.09
CA ALA D 313 22.70 17.57 -2.30
C ALA D 313 22.42 18.31 -1.01
N TYR D 314 21.14 18.46 -0.68
CA TYR D 314 20.74 19.23 0.48
C TYR D 314 19.50 18.62 1.09
N GLN D 315 19.27 18.93 2.36
CA GLN D 315 18.11 18.45 3.11
C GLN D 315 17.53 19.62 3.87
N GLU D 316 16.33 20.02 3.53
CA GLU D 316 15.70 21.15 4.19
C GLU D 316 15.52 20.82 5.68
N PRO D 317 15.87 21.74 6.60
CA PRO D 317 15.70 21.46 8.03
C PRO D 317 14.27 21.09 8.39
N SER D 322 14.13 28.13 6.92
CA SER D 322 15.37 28.84 7.23
C SER D 322 16.53 28.32 6.39
N PHE D 323 16.22 27.87 5.18
CA PHE D 323 17.21 27.36 4.24
C PHE D 323 17.12 28.13 2.94
N SER D 324 18.26 28.59 2.43
CA SER D 324 18.34 29.36 1.20
C SER D 324 19.09 28.51 0.17
N LEU D 325 18.36 28.05 -0.85
CA LEU D 325 18.99 27.28 -1.91
C LEU D 325 20.02 28.12 -2.67
N SER D 326 19.68 29.38 -2.95
CA SER D 326 20.60 30.25 -3.67
C SER D 326 21.93 30.36 -2.95
N GLN D 327 21.90 30.43 -1.61
CA GLN D 327 23.15 30.54 -0.86
C GLN D 327 24.00 29.29 -1.05
N GLU D 328 23.38 28.11 -1.03
CA GLU D 328 24.14 26.89 -1.24
C GLU D 328 24.74 26.85 -2.64
N VAL D 329 23.96 27.23 -3.66
CA VAL D 329 24.48 27.23 -5.01
C VAL D 329 25.65 28.20 -5.13
N LEU D 330 25.52 29.38 -4.54
CA LEU D 330 26.61 30.35 -4.57
C LEU D 330 27.85 29.81 -3.85
N ARG D 331 27.64 29.15 -2.71
CA ARG D 331 28.75 28.55 -1.99
C ARG D 331 29.51 27.57 -2.88
N HIS D 332 28.76 26.72 -3.60
CA HIS D 332 29.40 25.77 -4.49
C HIS D 332 30.05 26.47 -5.68
N LEU D 333 29.53 27.63 -6.08
CA LEU D 333 30.06 28.33 -7.24
C LEU D 333 31.39 29.03 -6.91
N ARG D 334 31.46 29.70 -5.77
CA ARG D 334 32.62 30.54 -5.48
C ARG D 334 33.92 29.75 -5.39
N GLN D 335 33.83 28.43 -5.25
CA GLN D 335 35.02 27.60 -5.15
C GLN D 335 35.81 27.64 -6.45
#